data_4U03
#
_entry.id   4U03
#
_cell.length_a   69.623
_cell.length_b   59.846
_cell.length_c   104.053
_cell.angle_alpha   90.00
_cell.angle_beta   95.81
_cell.angle_gamma   90.00
#
_symmetry.space_group_name_H-M   'P 1 21 1'
#
loop_
_entity.id
_entity.type
_entity.pdbx_description
1 polymer 'Cyclic AMP-GMP synthase'
2 non-polymer "GUANOSINE-5'-TRIPHOSPHATE"
3 non-polymer 'MAGNESIUM ION'
4 non-polymer 'N-[4-({[(6S)-2-amino-5-methyl-4-oxo-1,4,5,6,7,8-hexahydropteridin-6-yl]methyl}amino)benzoyl]-L-gamma-glutamyl-L-glutamic acid'
5 water water
#
_entity_poly.entity_id   1
_entity_poly.type   'polypeptide(L)'
_entity_poly.pdbx_seq_one_letter_code
;MRMTWNFHQYYTNRNDGLMGKLVLTDEEKNNLKALRKIIRLRTRDVFEEAKGIAKAVKKSALTFEIIQEKVSTTQIKHLS
DSEQREVAKLIYEMDDDARDEFLGLTPRFWTQGSFQYDTLNRPFQPGQEMDIDDGTYMPMPIFESEPKIGHSLLILLVDA
SLKSLVAENHGWKFEAKQTCGRIKIEAEKTHIDVPMYAIPKDEFQKKQIALEANRSFVKGAIFESYVADSITDDSETYEL
DSENVNLALREGDRKWINSDPKIVEDWFNDSCIRIGKHLRKVCRFMKAWRDAQWDVGGPSSISLMAATVNILDSVAHDAS
DLGETMKIIAKHLPSEFARGVESPDSTDEKPLFPPSYKHGPREMDIMSKLERLPEILSSAESADSKSEALKKINMAFGNR
VTNSELIVLAKALPAFAQELEHHHHHH
;
_entity_poly.pdbx_strand_id   A,B
#
# COMPACT_ATOMS: atom_id res chain seq x y z
N MET A 3 -26.71 -56.48 -0.73
CA MET A 3 -26.88 -55.03 -0.87
C MET A 3 -25.59 -54.34 -1.35
N THR A 4 -25.77 -53.28 -2.13
CA THR A 4 -24.65 -52.46 -2.59
C THR A 4 -25.01 -50.99 -2.40
N TRP A 5 -24.20 -50.27 -1.63
CA TRP A 5 -24.49 -48.86 -1.35
C TRP A 5 -23.63 -47.96 -2.22
N ASN A 6 -24.20 -46.81 -2.56
CA ASN A 6 -23.50 -45.78 -3.31
C ASN A 6 -23.19 -44.63 -2.35
N PHE A 7 -21.94 -44.18 -2.34
CA PHE A 7 -21.49 -43.17 -1.39
C PHE A 7 -21.27 -41.80 -1.98
N HIS A 8 -21.72 -41.58 -3.22
CA HIS A 8 -21.40 -40.33 -3.90
C HIS A 8 -21.82 -39.12 -3.06
N GLN A 9 -23.03 -39.16 -2.51
CA GLN A 9 -23.53 -38.06 -1.68
C GLN A 9 -22.85 -38.01 -0.31
N TYR A 10 -22.56 -39.17 0.25
CA TYR A 10 -21.77 -39.23 1.50
C TYR A 10 -20.50 -38.42 1.34
N TYR A 11 -19.89 -38.49 0.16
CA TYR A 11 -18.65 -37.77 -0.10
C TYR A 11 -18.90 -36.27 -0.40
N THR A 12 -19.93 -35.97 -1.19
CA THR A 12 -19.99 -34.65 -1.82
C THR A 12 -21.01 -33.66 -1.26
N ASN A 13 -22.00 -34.15 -0.53
CA ASN A 13 -22.99 -33.25 0.01
C ASN A 13 -22.32 -32.13 0.82
N ARG A 14 -22.62 -30.88 0.45
CA ARG A 14 -21.86 -29.75 0.96
C ARG A 14 -22.31 -29.30 2.34
N ASN A 15 -23.42 -29.84 2.80
CA ASN A 15 -23.93 -29.56 4.15
C ASN A 15 -23.53 -30.65 5.14
N ASP A 16 -23.87 -31.89 4.78
CA ASP A 16 -23.79 -33.04 5.67
C ASP A 16 -22.68 -34.03 5.30
N GLY A 17 -22.24 -33.99 4.05
CA GLY A 17 -21.32 -34.98 3.53
C GLY A 17 -19.90 -34.63 3.91
N LEU A 18 -18.94 -35.38 3.39
CA LEU A 18 -17.57 -35.20 3.81
C LEU A 18 -17.04 -33.86 3.34
N MET A 19 -17.37 -33.44 2.12
CA MET A 19 -16.98 -32.10 1.67
C MET A 19 -17.54 -31.05 2.62
N GLY A 20 -18.79 -31.25 3.04
CA GLY A 20 -19.42 -30.39 4.02
C GLY A 20 -18.61 -30.27 5.29
N LYS A 21 -18.00 -31.37 5.76
CA LYS A 21 -17.22 -31.37 7.00
C LYS A 21 -15.78 -30.83 6.83
N LEU A 22 -15.23 -30.92 5.63
CA LEU A 22 -13.82 -30.60 5.39
C LEU A 22 -13.57 -29.15 4.97
N VAL A 23 -14.50 -28.58 4.21
CA VAL A 23 -14.31 -27.24 3.66
C VAL A 23 -14.45 -26.20 4.78
N LEU A 24 -13.49 -25.27 4.85
CA LEU A 24 -13.47 -24.24 5.89
C LEU A 24 -14.77 -23.45 6.01
N THR A 25 -15.20 -23.21 7.24
CA THR A 25 -16.27 -22.26 7.51
C THR A 25 -15.81 -20.86 7.07
N ASP A 26 -16.73 -19.93 6.89
CA ASP A 26 -16.31 -18.56 6.57
C ASP A 26 -15.62 -17.90 7.76
N GLU A 27 -16.04 -18.27 8.97
CA GLU A 27 -15.35 -17.85 10.18
C GLU A 27 -13.88 -18.24 10.09
N GLU A 28 -13.65 -19.49 9.70
CA GLU A 28 -12.30 -20.00 9.62
C GLU A 28 -11.53 -19.35 8.46
N LYS A 29 -12.18 -19.20 7.31
CA LYS A 29 -11.50 -18.68 6.14
C LYS A 29 -11.10 -17.20 6.35
N ASN A 30 -12.02 -16.40 6.89
CA ASN A 30 -11.76 -14.99 7.11
C ASN A 30 -10.77 -14.77 8.23
N ASN A 31 -10.81 -15.66 9.20
CA ASN A 31 -9.82 -15.68 10.26
C ASN A 31 -8.41 -15.85 9.71
N LEU A 32 -8.24 -16.77 8.76
CA LEU A 32 -6.93 -17.02 8.16
C LEU A 32 -6.43 -15.81 7.35
N LYS A 33 -7.31 -15.23 6.55
CA LYS A 33 -6.95 -14.03 5.80
C LYS A 33 -6.60 -12.84 6.70
N ALA A 34 -7.34 -12.70 7.80
CA ALA A 34 -7.07 -11.63 8.77
C ALA A 34 -5.70 -11.84 9.41
N LEU A 35 -5.39 -13.09 9.75
CA LEU A 35 -4.08 -13.42 10.30
C LEU A 35 -2.93 -13.12 9.33
N ARG A 36 -3.12 -13.53 8.08
CA ARG A 36 -2.15 -13.26 7.04
C ARG A 36 -1.95 -11.74 6.87
N LYS A 37 -3.04 -11.00 6.87
CA LYS A 37 -2.94 -9.54 6.72
C LYS A 37 -2.10 -8.92 7.83
N ILE A 38 -2.34 -9.38 9.07
CA ILE A 38 -1.60 -8.92 10.24
C ILE A 38 -0.09 -9.21 10.15
N ILE A 39 0.27 -10.41 9.72
CA ILE A 39 1.69 -10.75 9.51
C ILE A 39 2.30 -9.87 8.41
N ARG A 40 1.58 -9.71 7.30
CA ARG A 40 2.09 -8.91 6.18
C ARG A 40 2.35 -7.44 6.56
N LEU A 41 1.36 -6.84 7.23
CA LEU A 41 1.51 -5.48 7.74
C LEU A 41 2.72 -5.33 8.64
N ARG A 42 2.88 -6.23 9.60
CA ARG A 42 3.96 -6.07 10.57
C ARG A 42 5.29 -6.26 9.87
N THR A 43 5.35 -7.19 8.92
CA THR A 43 6.63 -7.47 8.25
C THR A 43 7.08 -6.24 7.45
N ARG A 44 6.16 -5.60 6.73
CA ARG A 44 6.52 -4.40 5.98
CA ARG A 44 6.51 -4.39 5.97
C ARG A 44 6.91 -3.25 6.92
N ASP A 45 6.19 -3.13 8.03
CA ASP A 45 6.54 -2.11 9.04
C ASP A 45 7.95 -2.33 9.60
N VAL A 46 8.28 -3.57 9.92
CA VAL A 46 9.59 -3.85 10.52
C VAL A 46 10.73 -3.56 9.53
N PHE A 47 10.54 -3.94 8.27
CA PHE A 47 11.51 -3.60 7.24
C PHE A 47 11.63 -2.07 7.09
N GLU A 48 10.51 -1.36 7.16
CA GLU A 48 10.57 0.10 7.07
C GLU A 48 11.35 0.68 8.23
N GLU A 49 11.14 0.14 9.43
CA GLU A 49 11.87 0.59 10.61
C GLU A 49 13.37 0.36 10.46
N ALA A 50 13.76 -0.80 9.94
CA ALA A 50 15.17 -1.09 9.79
C ALA A 50 15.80 -0.21 8.69
N LYS A 51 15.05 0.01 7.61
CA LYS A 51 15.52 0.88 6.55
C LYS A 51 15.66 2.31 7.05
N GLY A 52 14.77 2.69 7.97
CA GLY A 52 14.87 3.98 8.65
C GLY A 52 16.24 4.17 9.28
N ILE A 53 16.68 3.16 10.00
CA ILE A 53 17.98 3.23 10.66
C ILE A 53 19.10 3.31 9.62
N ALA A 54 19.02 2.46 8.61
CA ALA A 54 20.02 2.43 7.54
C ALA A 54 20.09 3.79 6.83
N LYS A 55 18.94 4.43 6.67
CA LYS A 55 18.89 5.75 6.05
C LYS A 55 19.71 6.73 6.87
N ALA A 56 19.52 6.68 8.19
CA ALA A 56 20.30 7.47 9.13
C ALA A 56 21.80 7.26 8.97
N VAL A 57 22.22 6.00 8.87
CA VAL A 57 23.63 5.66 8.68
C VAL A 57 24.19 6.30 7.41
N LYS A 58 23.40 6.29 6.34
CA LYS A 58 23.79 6.87 5.06
C LYS A 58 24.00 8.37 5.20
N LYS A 59 22.99 9.06 5.73
CA LYS A 59 23.01 10.51 5.85
C LYS A 59 24.18 11.01 6.71
N SER A 60 24.30 10.46 7.91
CA SER A 60 25.39 10.83 8.82
C SER A 60 26.04 9.59 9.39
N ALA A 61 27.34 9.62 9.61
CA ALA A 61 28.02 8.48 10.20
C ALA A 61 27.65 8.37 11.67
N LEU A 62 26.95 7.30 12.01
CA LEU A 62 26.53 7.08 13.38
C LEU A 62 27.32 5.92 13.96
N THR A 63 27.69 6.05 15.23
CA THR A 63 28.44 5.01 15.90
C THR A 63 27.63 3.71 16.01
N PHE A 64 28.34 2.63 16.29
CA PHE A 64 27.69 1.36 16.50
C PHE A 64 26.73 1.44 17.69
N GLU A 65 27.16 2.10 18.75
CA GLU A 65 26.31 2.25 19.94
C GLU A 65 25.02 3.00 19.64
N ILE A 66 25.11 4.05 18.83
CA ILE A 66 23.92 4.80 18.46
C ILE A 66 22.98 3.92 17.64
N ILE A 67 23.57 3.08 16.80
CA ILE A 67 22.80 2.15 15.99
C ILE A 67 22.09 1.13 16.88
N GLN A 68 22.82 0.59 17.86
CA GLN A 68 22.22 -0.34 18.81
C GLN A 68 21.02 0.29 19.51
N GLU A 69 21.22 1.51 20.00
CA GLU A 69 20.17 2.26 20.66
C GLU A 69 18.92 2.35 19.78
N LYS A 70 19.12 2.80 18.55
CA LYS A 70 18.01 2.92 17.60
C LYS A 70 17.30 1.60 17.38
N VAL A 71 18.07 0.53 17.20
CA VAL A 71 17.49 -0.79 17.02
C VAL A 71 16.60 -1.19 18.19
N SER A 72 17.08 -0.93 19.40
CA SER A 72 16.43 -1.39 20.63
C SER A 72 15.12 -0.67 20.89
N THR A 73 14.88 0.38 20.12
CA THR A 73 13.62 1.14 20.22
C THR A 73 12.57 0.67 19.21
N THR A 74 12.98 -0.09 18.20
CA THR A 74 12.06 -0.59 17.18
C THR A 74 11.51 -1.96 17.57
N GLN A 75 10.62 -2.49 16.72
CA GLN A 75 10.03 -3.82 16.89
C GLN A 75 11.07 -4.92 16.94
N ILE A 76 12.28 -4.59 16.53
CA ILE A 76 13.38 -5.53 16.58
C ILE A 76 13.75 -5.79 18.04
N LYS A 77 13.23 -4.96 18.95
CA LYS A 77 13.47 -5.16 20.38
C LYS A 77 12.91 -6.49 20.88
N HIS A 78 12.07 -7.13 20.07
CA HIS A 78 11.47 -8.40 20.47
C HIS A 78 12.35 -9.61 20.17
N LEU A 79 13.48 -9.38 19.50
CA LEU A 79 14.51 -10.40 19.39
C LEU A 79 15.29 -10.45 20.68
N SER A 80 16.05 -11.52 20.89
CA SER A 80 16.93 -11.61 22.05
C SER A 80 18.01 -10.53 21.98
N ASP A 81 18.72 -10.33 23.09
CA ASP A 81 19.71 -9.27 23.17
C ASP A 81 20.83 -9.44 22.15
N SER A 82 21.33 -10.67 22.03
CA SER A 82 22.40 -10.95 21.08
C SER A 82 21.93 -10.86 19.63
N GLU A 83 20.66 -11.20 19.38
CA GLU A 83 20.09 -11.05 18.05
C GLU A 83 20.00 -9.57 17.67
N GLN A 84 19.57 -8.73 18.62
CA GLN A 84 19.51 -7.29 18.41
C GLN A 84 20.89 -6.74 18.08
N ARG A 85 21.90 -7.15 18.84
CA ARG A 85 23.26 -6.69 18.59
C ARG A 85 23.74 -7.11 17.20
N GLU A 86 23.34 -8.30 16.77
CA GLU A 86 23.70 -8.79 15.44
C GLU A 86 23.05 -7.97 14.32
N VAL A 87 21.79 -7.58 14.50
CA VAL A 87 21.11 -6.73 13.52
C VAL A 87 21.80 -5.36 13.45
N ALA A 88 22.16 -4.81 14.61
CA ALA A 88 22.82 -3.51 14.64
C ALA A 88 24.20 -3.60 13.97
N LYS A 89 24.88 -4.70 14.25
CA LYS A 89 26.20 -4.98 13.68
C LYS A 89 26.09 -5.11 12.16
N LEU A 90 25.06 -5.80 11.67
CA LEU A 90 24.90 -5.99 10.23
C LEU A 90 24.57 -4.69 9.51
N ILE A 91 23.76 -3.85 10.12
CA ILE A 91 23.39 -2.57 9.53
C ILE A 91 24.58 -1.62 9.53
N TYR A 92 25.33 -1.63 10.62
CA TYR A 92 26.50 -0.79 10.75
C TYR A 92 27.54 -1.17 9.71
N GLU A 93 27.62 -2.47 9.43
CA GLU A 93 28.74 -3.01 8.67
C GLU A 93 28.59 -3.04 7.15
N MET A 94 27.37 -2.89 6.63
CA MET A 94 27.20 -2.95 5.18
C MET A 94 27.73 -1.68 4.51
N ASP A 95 28.29 -1.84 3.32
CA ASP A 95 28.87 -0.72 2.59
C ASP A 95 27.82 0.02 1.79
N ASP A 96 28.23 1.13 1.18
CA ASP A 96 27.32 2.02 0.44
C ASP A 96 26.45 1.27 -0.54
N ASP A 97 27.06 0.37 -1.30
CA ASP A 97 26.37 -0.43 -2.29
C ASP A 97 25.28 -1.34 -1.68
N ALA A 98 25.66 -2.15 -0.70
CA ALA A 98 24.70 -3.04 -0.04
C ALA A 98 23.62 -2.21 0.64
N ARG A 99 24.03 -1.08 1.23
CA ARG A 99 23.09 -0.24 1.96
C ARG A 99 22.07 0.40 1.01
N ASP A 100 22.50 0.76 -0.19
CA ASP A 100 21.59 1.30 -1.18
C ASP A 100 20.58 0.23 -1.65
N GLU A 101 21.06 -0.98 -1.86
CA GLU A 101 20.16 -2.11 -2.18
C GLU A 101 19.11 -2.26 -1.08
N PHE A 102 19.59 -2.32 0.16
CA PHE A 102 18.69 -2.48 1.33
C PHE A 102 17.63 -1.40 1.41
N LEU A 103 18.00 -0.15 1.14
CA LEU A 103 17.05 0.96 1.22
C LEU A 103 16.01 0.91 0.10
N GLY A 104 16.31 0.15 -0.95
CA GLY A 104 15.36 -0.06 -2.02
C GLY A 104 14.54 -1.35 -1.90
N LEU A 105 14.74 -2.09 -0.81
CA LEU A 105 14.05 -3.37 -0.61
C LEU A 105 12.71 -3.20 0.11
N THR A 106 11.63 -3.70 -0.50
CA THR A 106 10.37 -3.84 0.22
C THR A 106 9.87 -5.27 0.04
N PRO A 107 9.60 -5.97 1.17
CA PRO A 107 9.18 -7.37 1.05
C PRO A 107 7.81 -7.45 0.40
N ARG A 108 7.61 -8.51 -0.39
CA ARG A 108 6.35 -8.79 -1.05
C ARG A 108 5.87 -10.16 -0.61
N PHE A 109 4.58 -10.44 -0.82
CA PHE A 109 3.99 -11.64 -0.26
C PHE A 109 3.16 -12.41 -1.27
N TRP A 110 3.11 -13.73 -1.09
CA TRP A 110 2.25 -14.55 -1.90
C TRP A 110 2.03 -15.91 -1.22
N THR A 111 0.76 -16.25 -1.00
CA THR A 111 0.40 -17.51 -0.37
C THR A 111 0.59 -18.70 -1.31
N GLN A 112 1.03 -19.82 -0.75
CA GLN A 112 1.22 -21.06 -1.50
C GLN A 112 0.54 -22.15 -0.70
N GLY A 113 0.47 -23.36 -1.24
CA GLY A 113 -0.06 -24.48 -0.47
C GLY A 113 -1.56 -24.60 -0.56
N SER A 114 -2.16 -25.39 0.32
CA SER A 114 -3.57 -25.74 0.20
C SER A 114 -4.49 -24.54 0.33
N PHE A 115 -4.06 -23.48 1.01
CA PHE A 115 -4.94 -22.33 1.08
C PHE A 115 -5.02 -21.73 -0.33
N GLN A 116 -3.91 -21.78 -1.04
CA GLN A 116 -3.83 -21.19 -2.39
C GLN A 116 -4.55 -22.02 -3.44
N TYR A 117 -4.30 -23.33 -3.45
CA TYR A 117 -4.97 -24.19 -4.42
C TYR A 117 -6.19 -24.96 -3.87
N ASP A 118 -6.75 -24.46 -2.77
CA ASP A 118 -8.09 -24.83 -2.31
C ASP A 118 -8.26 -26.31 -1.96
N THR A 119 -7.39 -26.80 -1.10
CA THR A 119 -7.53 -28.16 -0.58
C THR A 119 -7.31 -28.17 0.93
N LEU A 120 -7.49 -27.00 1.57
CA LEU A 120 -7.30 -26.88 3.02
C LEU A 120 -8.48 -27.44 3.81
N ASN A 121 -8.25 -28.55 4.51
CA ASN A 121 -9.30 -29.21 5.28
C ASN A 121 -9.37 -28.71 6.71
N ARG A 122 -10.57 -28.74 7.26
CA ARG A 122 -10.76 -28.55 8.68
C ARG A 122 -10.07 -29.70 9.41
N PRO A 123 -9.27 -29.36 10.44
CA PRO A 123 -8.47 -30.35 11.16
C PRO A 123 -9.37 -31.30 11.91
N PHE A 124 -8.90 -32.50 12.21
CA PHE A 124 -9.76 -33.52 12.80
C PHE A 124 -9.38 -33.89 14.25
N GLN A 125 -8.18 -34.42 14.47
CA GLN A 125 -7.77 -34.82 15.82
C GLN A 125 -7.07 -33.70 16.56
N PRO A 126 -7.05 -33.78 17.89
CA PRO A 126 -6.33 -32.78 18.68
C PRO A 126 -4.89 -32.74 18.25
N GLY A 127 -4.35 -31.54 18.11
CA GLY A 127 -2.98 -31.39 17.66
C GLY A 127 -2.91 -31.05 16.19
N GLN A 128 -3.93 -31.41 15.43
CA GLN A 128 -3.95 -31.10 14.01
C GLN A 128 -4.38 -29.66 13.80
N GLU A 129 -3.76 -29.00 12.84
CA GLU A 129 -3.98 -27.57 12.66
C GLU A 129 -4.17 -27.19 11.20
N MET A 130 -4.96 -26.14 10.96
CA MET A 130 -5.00 -25.49 9.66
C MET A 130 -3.72 -24.69 9.45
N ASP A 131 -3.20 -24.78 8.23
CA ASP A 131 -1.92 -24.22 7.88
C ASP A 131 -2.14 -23.21 6.76
N ILE A 132 -1.63 -21.99 6.95
CA ILE A 132 -1.53 -21.09 5.81
C ILE A 132 -0.05 -20.80 5.55
N ASP A 133 0.38 -21.01 4.31
CA ASP A 133 1.77 -20.80 3.93
C ASP A 133 1.93 -19.49 3.16
N ASP A 134 2.25 -18.41 3.86
CA ASP A 134 2.43 -17.12 3.18
C ASP A 134 3.91 -16.78 2.97
N GLY A 135 4.40 -16.98 1.76
CA GLY A 135 5.79 -16.71 1.47
C GLY A 135 6.12 -15.22 1.44
N THR A 136 7.32 -14.87 1.86
CA THR A 136 7.78 -13.50 1.73
C THR A 136 8.86 -13.49 0.66
N TYR A 137 8.79 -12.52 -0.23
CA TYR A 137 9.70 -12.47 -1.36
C TYR A 137 10.56 -11.23 -1.24
N MET A 138 11.85 -11.36 -1.50
CA MET A 138 12.77 -10.24 -1.36
C MET A 138 13.44 -10.00 -2.70
N PRO A 139 12.95 -8.99 -3.45
CA PRO A 139 13.56 -8.70 -4.77
C PRO A 139 14.92 -8.04 -4.59
N MET A 140 15.95 -8.69 -5.12
CA MET A 140 17.32 -8.24 -5.00
C MET A 140 18.04 -8.63 -6.27
N PRO A 141 19.26 -8.13 -6.48
CA PRO A 141 19.96 -8.55 -7.69
C PRO A 141 20.21 -10.05 -7.72
N ILE A 142 20.37 -10.60 -8.93
CA ILE A 142 20.74 -12.00 -9.10
C ILE A 142 22.07 -12.22 -8.41
N PHE A 143 22.19 -13.32 -7.68
CA PHE A 143 23.42 -13.65 -7.00
C PHE A 143 23.78 -15.11 -7.25
N GLU A 144 25.08 -15.40 -7.30
CA GLU A 144 25.54 -16.77 -7.43
C GLU A 144 25.78 -17.31 -6.03
N SER A 145 26.65 -16.61 -5.31
CA SER A 145 27.07 -17.01 -3.97
C SER A 145 26.08 -16.54 -2.93
N GLU A 146 26.17 -15.25 -2.58
CA GLU A 146 25.32 -14.66 -1.54
C GLU A 146 24.87 -13.25 -1.92
N PRO A 147 23.60 -12.92 -1.64
CA PRO A 147 22.95 -11.66 -1.99
C PRO A 147 23.63 -10.44 -1.38
N LYS A 148 23.43 -9.27 -1.99
CA LYS A 148 23.91 -8.01 -1.46
C LYS A 148 23.45 -7.82 -0.02
N ILE A 149 22.14 -7.95 0.17
CA ILE A 149 21.56 -7.95 1.50
C ILE A 149 21.68 -9.36 2.07
N GLY A 150 22.28 -9.47 3.25
CA GLY A 150 22.64 -10.77 3.78
C GLY A 150 21.48 -11.66 4.16
N HIS A 151 21.73 -12.96 4.03
CA HIS A 151 20.83 -14.00 4.52
C HIS A 151 20.50 -13.72 5.99
N SER A 152 21.55 -13.57 6.81
CA SER A 152 21.40 -13.32 8.24
C SER A 152 20.46 -12.17 8.56
N LEU A 153 20.69 -11.03 7.94
CA LEU A 153 19.87 -9.86 8.19
C LEU A 153 18.41 -10.14 7.84
N LEU A 154 18.16 -10.69 6.66
CA LEU A 154 16.78 -10.93 6.23
C LEU A 154 16.04 -11.87 7.17
N ILE A 155 16.70 -12.93 7.60
CA ILE A 155 16.07 -13.88 8.51
C ILE A 155 15.76 -13.21 9.85
N LEU A 156 16.71 -12.47 10.38
CA LEU A 156 16.49 -11.73 11.63
C LEU A 156 15.27 -10.79 11.60
N LEU A 157 15.10 -10.04 10.50
CA LEU A 157 13.98 -9.10 10.41
C LEU A 157 12.60 -9.77 10.33
N VAL A 158 12.51 -10.82 9.53
CA VAL A 158 11.29 -11.62 9.47
C VAL A 158 11.00 -12.25 10.84
N ASP A 159 12.03 -12.76 11.49
CA ASP A 159 11.88 -13.28 12.85
C ASP A 159 11.38 -12.19 13.80
N ALA A 160 11.95 -11.00 13.71
CA ALA A 160 11.56 -9.90 14.58
C ALA A 160 10.10 -9.54 14.35
N SER A 161 9.69 -9.50 13.10
CA SER A 161 8.30 -9.25 12.77
C SER A 161 7.37 -10.29 13.44
N LEU A 162 7.66 -11.57 13.25
CA LEU A 162 6.87 -12.64 13.86
C LEU A 162 6.90 -12.58 15.40
N LYS A 163 8.09 -12.48 15.97
CA LYS A 163 8.22 -12.40 17.43
C LYS A 163 7.51 -11.17 18.01
N SER A 164 7.47 -10.07 17.27
CA SER A 164 6.79 -8.87 17.73
C SER A 164 5.29 -9.11 17.82
N LEU A 165 4.76 -9.97 16.95
CA LEU A 165 3.32 -10.23 16.98
C LEU A 165 2.96 -11.20 18.10
N VAL A 166 3.82 -12.16 18.34
CA VAL A 166 3.63 -13.12 19.43
C VAL A 166 3.60 -12.36 20.76
N ALA A 167 4.48 -11.38 20.91
CA ALA A 167 4.56 -10.57 22.14
C ALA A 167 3.26 -9.76 22.39
N GLU A 168 2.43 -9.64 21.37
CA GLU A 168 1.18 -8.88 21.45
C GLU A 168 -0.05 -9.77 21.46
N ASN A 169 0.13 -11.08 21.65
CA ASN A 169 -1.00 -12.00 21.57
C ASN A 169 -0.83 -13.20 22.49
N HIS A 170 -1.60 -13.22 23.58
CA HIS A 170 -1.62 -14.40 24.44
C HIS A 170 -1.91 -15.63 23.59
N GLY A 171 -1.24 -16.73 23.89
CA GLY A 171 -1.51 -17.98 23.24
C GLY A 171 -0.88 -18.15 21.86
N TRP A 172 -0.15 -17.14 21.39
CA TRP A 172 0.63 -17.33 20.17
C TRP A 172 2.03 -17.77 20.57
N LYS A 173 2.68 -18.57 19.73
CA LYS A 173 4.10 -18.84 19.95
C LYS A 173 4.86 -18.95 18.62
N PHE A 174 6.15 -18.60 18.67
CA PHE A 174 7.02 -18.63 17.51
C PHE A 174 7.75 -19.98 17.42
N GLU A 175 7.86 -20.52 16.21
CA GLU A 175 8.71 -21.69 15.99
C GLU A 175 9.59 -21.46 14.78
N ALA A 176 10.86 -21.77 14.90
CA ALA A 176 11.74 -21.70 13.75
C ALA A 176 11.85 -23.11 13.14
N LYS A 177 11.53 -23.22 11.85
CA LYS A 177 11.68 -24.48 11.12
C LYS A 177 12.80 -24.29 10.11
N GLN A 178 13.18 -25.34 9.40
CA GLN A 178 14.34 -25.23 8.50
C GLN A 178 14.02 -24.36 7.29
N THR A 179 12.76 -24.39 6.85
CA THR A 179 12.39 -23.65 5.66
C THR A 179 11.49 -22.43 5.91
N CYS A 180 11.16 -22.18 7.17
CA CYS A 180 10.28 -21.05 7.48
C CYS A 180 10.30 -20.64 8.94
N GLY A 181 9.66 -19.50 9.22
CA GLY A 181 9.36 -19.09 10.57
C GLY A 181 7.89 -19.39 10.73
N ARG A 182 7.47 -19.71 11.94
CA ARG A 182 6.10 -20.13 12.14
C ARG A 182 5.44 -19.44 13.32
N ILE A 183 4.19 -19.03 13.14
CA ILE A 183 3.40 -18.65 14.30
C ILE A 183 2.32 -19.69 14.51
N LYS A 184 2.31 -20.23 15.72
CA LYS A 184 1.37 -21.26 16.12
C LYS A 184 0.34 -20.66 17.06
N ILE A 185 -0.93 -20.87 16.76
CA ILE A 185 -2.00 -20.47 17.64
C ILE A 185 -2.81 -21.69 18.02
N GLU A 186 -2.33 -22.40 19.04
CA GLU A 186 -2.91 -23.69 19.45
C GLU A 186 -4.43 -23.66 19.69
N ALA A 187 -4.87 -22.70 20.48
CA ALA A 187 -6.29 -22.56 20.81
C ALA A 187 -7.18 -22.31 19.60
N GLU A 188 -6.60 -21.89 18.48
CA GLU A 188 -7.40 -21.74 17.26
C GLU A 188 -7.02 -22.81 16.23
N LYS A 189 -6.26 -23.81 16.67
CA LYS A 189 -5.89 -24.93 15.80
C LYS A 189 -5.31 -24.39 14.50
N THR A 190 -4.46 -23.37 14.59
CA THR A 190 -3.99 -22.71 13.38
C THR A 190 -2.51 -22.40 13.49
N HIS A 191 -1.81 -22.45 12.37
CA HIS A 191 -0.48 -21.87 12.31
C HIS A 191 -0.25 -21.20 10.96
N ILE A 192 0.65 -20.23 10.93
CA ILE A 192 0.99 -19.58 9.68
C ILE A 192 2.48 -19.78 9.49
N ASP A 193 2.85 -20.28 8.30
CA ASP A 193 4.25 -20.51 7.96
C ASP A 193 4.70 -19.41 7.00
N VAL A 194 5.92 -18.90 7.21
CA VAL A 194 6.48 -17.85 6.37
C VAL A 194 7.84 -18.25 5.83
N PRO A 195 7.85 -18.95 4.68
CA PRO A 195 9.11 -19.21 4.00
C PRO A 195 9.57 -17.92 3.38
N MET A 196 10.86 -17.76 3.14
CA MET A 196 11.36 -16.52 2.57
C MET A 196 12.13 -16.81 1.28
N TYR A 197 11.86 -16.03 0.23
CA TYR A 197 12.50 -16.26 -1.06
C TYR A 197 13.21 -15.02 -1.57
N ALA A 198 14.35 -15.22 -2.21
CA ALA A 198 14.99 -14.17 -2.98
C ALA A 198 14.54 -14.30 -4.44
N ILE A 199 14.26 -13.18 -5.10
CA ILE A 199 13.87 -13.22 -6.51
C ILE A 199 14.56 -12.07 -7.24
N PRO A 200 14.70 -12.17 -8.58
CA PRO A 200 15.46 -11.16 -9.32
C PRO A 200 14.75 -9.82 -9.33
N LYS A 201 15.46 -8.77 -8.91
CA LYS A 201 14.85 -7.45 -8.74
C LYS A 201 14.40 -6.84 -10.07
N ASP A 202 15.27 -6.90 -11.07
CA ASP A 202 14.99 -6.34 -12.39
C ASP A 202 13.77 -6.97 -13.06
N GLU A 203 13.72 -8.30 -13.04
CA GLU A 203 12.60 -9.05 -13.63
C GLU A 203 11.30 -8.82 -12.84
N PHE A 204 11.41 -8.79 -11.52
CA PHE A 204 10.27 -8.48 -10.67
C PHE A 204 9.68 -7.13 -11.05
N GLN A 205 10.53 -6.14 -11.21
CA GLN A 205 10.07 -4.80 -11.57
C GLN A 205 9.44 -4.78 -12.95
N LYS A 206 10.11 -5.42 -13.91
CA LYS A 206 9.60 -5.44 -15.28
C LYS A 206 8.22 -6.08 -15.32
N LYS A 207 8.05 -7.18 -14.60
CA LYS A 207 6.81 -7.94 -14.62
C LYS A 207 5.68 -7.21 -13.91
N GLN A 208 6.04 -6.44 -12.89
CA GLN A 208 5.05 -5.70 -12.13
C GLN A 208 4.57 -4.50 -12.96
N ILE A 209 5.50 -3.87 -13.68
CA ILE A 209 5.14 -2.80 -14.60
C ILE A 209 4.18 -3.32 -15.68
N ALA A 210 4.53 -4.43 -16.32
CA ALA A 210 3.65 -5.06 -17.30
C ALA A 210 2.29 -5.38 -16.71
N LEU A 211 2.30 -5.96 -15.52
CA LEU A 211 1.07 -6.40 -14.88
C LEU A 211 0.06 -5.26 -14.71
N GLU A 212 0.54 -4.10 -14.24
CA GLU A 212 -0.37 -3.00 -13.88
C GLU A 212 -0.90 -2.28 -15.14
N ALA A 213 -0.09 -2.27 -16.20
CA ALA A 213 -0.50 -1.60 -17.42
C ALA A 213 -1.59 -2.37 -18.15
N ASN A 214 -1.57 -3.69 -18.03
CA ASN A 214 -2.46 -4.57 -18.80
C ASN A 214 -3.76 -4.96 -18.09
N ARG A 215 -4.17 -4.17 -17.10
CA ARG A 215 -5.44 -4.41 -16.40
C ARG A 215 -6.06 -3.09 -15.94
N SER A 216 -7.39 -3.07 -15.79
CA SER A 216 -8.11 -1.80 -15.57
C SER A 216 -8.88 -1.69 -14.26
N PHE A 217 -10.10 -2.24 -14.22
CA PHE A 217 -10.95 -2.15 -13.04
C PHE A 217 -10.81 -3.35 -12.08
N TYR A 238 3.15 -11.70 -12.90
CA TYR A 238 3.42 -12.82 -13.79
C TYR A 238 4.64 -13.64 -13.32
N GLU A 239 4.87 -14.79 -13.96
CA GLU A 239 5.83 -15.78 -13.47
C GLU A 239 7.28 -15.38 -13.72
N LEU A 240 8.12 -15.56 -12.72
CA LEU A 240 9.55 -15.24 -12.84
C LEU A 240 10.29 -16.45 -13.33
N ASP A 241 11.53 -16.20 -13.76
CA ASP A 241 12.46 -17.26 -14.12
C ASP A 241 12.62 -18.21 -12.93
N SER A 242 12.20 -19.47 -13.11
CA SER A 242 12.15 -20.43 -12.02
C SER A 242 13.48 -20.65 -11.30
N GLU A 243 14.58 -20.62 -12.04
CA GLU A 243 15.86 -20.98 -11.46
C GLU A 243 16.51 -19.84 -10.69
N ASN A 244 15.81 -18.72 -10.58
CA ASN A 244 16.30 -17.62 -9.76
C ASN A 244 15.41 -17.35 -8.57
N VAL A 245 14.50 -18.29 -8.29
CA VAL A 245 13.65 -18.18 -7.12
C VAL A 245 14.31 -18.98 -6.00
N ASN A 246 14.91 -18.27 -5.05
CA ASN A 246 15.75 -18.90 -4.04
C ASN A 246 15.13 -18.94 -2.65
N LEU A 247 14.94 -20.16 -2.14
CA LEU A 247 14.40 -20.38 -0.80
C LEU A 247 15.51 -20.23 0.22
N ALA A 248 15.25 -19.45 1.27
CA ALA A 248 16.25 -19.29 2.33
C ALA A 248 16.13 -20.45 3.33
N LEU A 249 17.25 -21.08 3.63
CA LEU A 249 17.29 -22.18 4.59
C LEU A 249 17.88 -21.69 5.90
N ARG A 250 17.28 -22.08 7.02
CA ARG A 250 17.66 -21.54 8.32
C ARG A 250 18.79 -22.31 9.00
N GLU A 251 18.79 -23.64 8.87
CA GLU A 251 19.89 -24.44 9.40
C GLU A 251 20.66 -25.17 8.29
N GLY A 252 21.93 -25.46 8.56
CA GLY A 252 22.81 -26.05 7.57
C GLY A 252 23.72 -24.96 7.05
N ASP A 253 24.74 -25.33 6.28
CA ASP A 253 25.67 -24.34 5.76
C ASP A 253 25.25 -23.79 4.39
N ARG A 254 24.37 -24.52 3.74
CA ARG A 254 23.73 -24.03 2.52
C ARG A 254 22.60 -23.06 2.87
N LYS A 255 22.85 -21.76 2.66
CA LYS A 255 21.89 -20.71 3.04
C LYS A 255 20.69 -20.61 2.09
N TRP A 256 20.89 -21.02 0.83
CA TRP A 256 19.86 -20.86 -0.19
C TRP A 256 19.72 -22.11 -1.05
N ILE A 257 18.48 -22.41 -1.44
CA ILE A 257 18.24 -23.51 -2.37
C ILE A 257 17.19 -23.10 -3.41
N ASN A 258 17.41 -23.49 -4.66
CA ASN A 258 16.48 -23.13 -5.70
C ASN A 258 15.22 -24.00 -5.62
N SER A 259 14.23 -23.55 -4.86
CA SER A 259 12.96 -24.26 -4.76
C SER A 259 11.77 -23.35 -5.05
N ASP A 260 11.31 -23.38 -6.30
CA ASP A 260 10.26 -22.49 -6.75
C ASP A 260 8.87 -23.08 -6.43
N PRO A 261 8.14 -22.46 -5.48
CA PRO A 261 6.84 -22.98 -5.07
C PRO A 261 5.80 -22.93 -6.20
N LYS A 262 6.01 -22.09 -7.20
CA LYS A 262 5.03 -21.98 -8.26
C LYS A 262 5.00 -23.26 -9.09
N ILE A 263 6.11 -23.99 -9.10
CA ILE A 263 6.19 -25.23 -9.87
C ILE A 263 5.11 -26.22 -9.43
N VAL A 264 4.94 -26.38 -8.12
CA VAL A 264 3.90 -27.24 -7.57
C VAL A 264 2.51 -26.66 -7.77
N GLU A 265 2.37 -25.35 -7.55
CA GLU A 265 1.06 -24.72 -7.76
C GLU A 265 0.58 -24.89 -9.19
N ASP A 266 1.49 -24.68 -10.15
CA ASP A 266 1.12 -24.78 -11.56
C ASP A 266 0.82 -26.21 -11.94
N TRP A 267 1.66 -27.14 -11.49
CA TRP A 267 1.43 -28.56 -11.74
C TRP A 267 0.06 -29.01 -11.24
N PHE A 268 -0.32 -28.57 -10.04
CA PHE A 268 -1.60 -28.99 -9.48
C PHE A 268 -2.78 -28.35 -10.17
N ASN A 269 -2.69 -27.04 -10.45
CA ASN A 269 -3.77 -26.37 -11.17
C ASN A 269 -3.93 -26.94 -12.57
N ASP A 270 -2.81 -27.21 -13.25
CA ASP A 270 -2.88 -27.84 -14.57
C ASP A 270 -3.46 -29.25 -14.48
N SER A 271 -3.18 -29.95 -13.38
CA SER A 271 -3.70 -31.30 -13.19
C SER A 271 -5.23 -31.25 -13.02
N CYS A 272 -5.70 -30.26 -12.29
CA CYS A 272 -7.12 -30.06 -12.06
C CYS A 272 -7.84 -29.81 -13.39
N ILE A 273 -7.25 -28.97 -14.23
CA ILE A 273 -7.81 -28.66 -15.55
C ILE A 273 -7.90 -29.91 -16.39
N ARG A 274 -6.81 -30.65 -16.39
CA ARG A 274 -6.64 -31.81 -17.23
C ARG A 274 -7.54 -32.95 -16.76
N ILE A 275 -7.58 -33.18 -15.45
CA ILE A 275 -8.36 -34.29 -14.91
C ILE A 275 -9.82 -33.89 -14.67
N GLY A 276 -10.05 -32.72 -14.11
CA GLY A 276 -11.40 -32.28 -13.80
C GLY A 276 -11.52 -31.79 -12.37
N LYS A 277 -12.68 -31.24 -12.05
CA LYS A 277 -12.87 -30.58 -10.75
C LYS A 277 -13.05 -31.57 -9.59
N HIS A 278 -13.21 -32.84 -9.89
CA HIS A 278 -13.30 -33.83 -8.84
C HIS A 278 -11.92 -34.09 -8.23
N LEU A 279 -10.86 -33.66 -8.92
CA LEU A 279 -9.51 -33.87 -8.39
C LEU A 279 -9.32 -33.23 -7.00
N ARG A 280 -9.77 -31.97 -6.84
CA ARG A 280 -9.63 -31.30 -5.56
C ARG A 280 -10.42 -32.01 -4.47
N LYS A 281 -11.60 -32.53 -4.82
CA LYS A 281 -12.40 -33.28 -3.85
C LYS A 281 -11.70 -34.55 -3.38
N VAL A 282 -11.28 -35.39 -4.31
CA VAL A 282 -10.63 -36.66 -3.93
C VAL A 282 -9.31 -36.40 -3.20
N CYS A 283 -8.61 -35.34 -3.56
CA CYS A 283 -7.41 -34.95 -2.81
C CYS A 283 -7.76 -34.57 -1.36
N ARG A 284 -8.84 -33.82 -1.18
CA ARG A 284 -9.30 -33.53 0.19
C ARG A 284 -9.64 -34.83 0.94
N PHE A 285 -10.31 -35.76 0.26
CA PHE A 285 -10.66 -37.03 0.91
C PHE A 285 -9.43 -37.84 1.35
N MET A 286 -8.41 -37.89 0.51
CA MET A 286 -7.22 -38.63 0.88
C MET A 286 -6.50 -38.00 2.06
N LYS A 287 -6.48 -36.67 2.10
CA LYS A 287 -5.92 -35.96 3.26
C LYS A 287 -6.73 -36.20 4.53
N ALA A 288 -8.05 -36.29 4.37
CA ALA A 288 -8.94 -36.53 5.50
C ALA A 288 -8.72 -37.94 6.03
N TRP A 289 -8.54 -38.89 5.11
CA TRP A 289 -8.20 -40.26 5.48
C TRP A 289 -6.93 -40.28 6.31
N ARG A 290 -5.94 -39.54 5.83
CA ARG A 290 -4.65 -39.42 6.50
C ARG A 290 -4.82 -38.84 7.92
N ASP A 291 -5.59 -37.77 8.03
CA ASP A 291 -5.82 -37.14 9.32
C ASP A 291 -6.53 -38.06 10.32
N ALA A 292 -7.34 -38.99 9.81
CA ALA A 292 -8.08 -39.90 10.67
C ALA A 292 -7.24 -41.09 11.09
N GLN A 293 -6.30 -41.49 10.23
CA GLN A 293 -5.50 -42.68 10.49
C GLN A 293 -4.30 -42.37 11.36
N TRP A 294 -3.83 -41.12 11.35
CA TRP A 294 -2.69 -40.74 12.19
C TRP A 294 -3.00 -39.44 12.87
N ASP A 295 -2.79 -39.35 14.18
CA ASP A 295 -2.91 -38.02 14.80
C ASP A 295 -1.79 -37.09 14.32
N VAL A 296 -0.58 -37.60 14.28
CA VAL A 296 0.52 -36.90 13.61
C VAL A 296 1.19 -37.91 12.72
N GLY A 297 1.70 -37.47 11.58
CA GLY A 297 2.36 -38.40 10.68
C GLY A 297 1.45 -38.82 9.53
N GLY A 298 1.83 -39.90 8.85
CA GLY A 298 1.15 -40.28 7.63
C GLY A 298 1.90 -39.72 6.44
N PRO A 299 1.43 -40.01 5.22
CA PRO A 299 2.16 -39.51 4.04
C PRO A 299 1.90 -38.03 3.87
N SER A 300 2.85 -37.31 3.26
CA SER A 300 2.70 -35.87 3.10
C SER A 300 1.50 -35.58 2.21
N SER A 301 0.95 -34.38 2.34
CA SER A 301 -0.15 -33.96 1.48
C SER A 301 0.25 -33.96 0.01
N ILE A 302 1.48 -33.55 -0.27
CA ILE A 302 1.92 -33.48 -1.65
C ILE A 302 2.11 -34.88 -2.26
N SER A 303 2.64 -35.82 -1.47
CA SER A 303 2.76 -37.18 -2.00
C SER A 303 1.37 -37.76 -2.33
N LEU A 304 0.39 -37.46 -1.48
CA LEU A 304 -0.96 -37.95 -1.74
C LEU A 304 -1.52 -37.36 -3.01
N MET A 305 -1.29 -36.06 -3.21
CA MET A 305 -1.77 -35.40 -4.44
C MET A 305 -1.12 -35.97 -5.69
N ALA A 306 0.19 -36.15 -5.63
CA ALA A 306 0.96 -36.62 -6.77
C ALA A 306 0.54 -38.04 -7.15
N ALA A 307 0.34 -38.89 -6.15
CA ALA A 307 -0.02 -40.27 -6.41
C ALA A 307 -1.43 -40.30 -7.02
N THR A 308 -2.34 -39.52 -6.44
CA THR A 308 -3.71 -39.42 -6.91
C THR A 308 -3.80 -38.90 -8.34
N VAL A 309 -2.99 -37.89 -8.65
CA VAL A 309 -2.94 -37.38 -10.02
C VAL A 309 -2.48 -38.48 -10.98
N ASN A 310 -1.42 -39.19 -10.60
CA ASN A 310 -0.92 -40.28 -11.44
C ASN A 310 -2.01 -41.31 -11.71
N ILE A 311 -2.80 -41.62 -10.68
CA ILE A 311 -3.84 -42.63 -10.81
C ILE A 311 -4.98 -42.15 -11.73
N LEU A 312 -5.49 -40.95 -11.45
CA LEU A 312 -6.56 -40.41 -12.28
C LEU A 312 -6.16 -40.10 -13.74
N ASP A 313 -4.88 -39.83 -13.98
CA ASP A 313 -4.39 -39.65 -15.35
C ASP A 313 -4.39 -40.98 -16.14
N SER A 314 -4.24 -42.09 -15.45
CA SER A 314 -3.94 -43.33 -16.14
C SER A 314 -5.04 -44.37 -16.03
N VAL A 315 -5.99 -44.16 -15.13
CA VAL A 315 -7.06 -45.13 -14.89
C VAL A 315 -8.43 -44.55 -15.19
N ALA A 316 -9.21 -45.27 -15.99
CA ALA A 316 -10.56 -44.82 -16.34
C ALA A 316 -11.46 -44.70 -15.11
N HIS A 317 -12.25 -43.64 -15.03
CA HIS A 317 -13.14 -43.50 -13.89
C HIS A 317 -14.29 -42.57 -14.21
N ASP A 318 -15.26 -42.51 -13.30
CA ASP A 318 -16.45 -41.68 -13.52
C ASP A 318 -16.57 -40.62 -12.43
N ALA A 319 -16.43 -39.36 -12.82
CA ALA A 319 -16.47 -38.22 -11.91
C ALA A 319 -17.83 -38.05 -11.24
N SER A 320 -18.87 -38.58 -11.87
CA SER A 320 -20.23 -38.47 -11.33
C SER A 320 -20.56 -39.49 -10.23
N ASP A 321 -19.61 -40.37 -9.94
CA ASP A 321 -19.70 -41.24 -8.77
C ASP A 321 -18.33 -41.21 -8.06
N LEU A 322 -18.19 -40.30 -7.10
CA LEU A 322 -16.95 -40.20 -6.36
C LEU A 322 -16.77 -41.37 -5.42
N GLY A 323 -17.87 -42.06 -5.14
CA GLY A 323 -17.77 -43.28 -4.37
C GLY A 323 -16.95 -44.30 -5.14
N GLU A 324 -17.33 -44.54 -6.39
CA GLU A 324 -16.60 -45.45 -7.27
C GLU A 324 -15.17 -44.95 -7.51
N THR A 325 -15.03 -43.67 -7.81
CA THR A 325 -13.72 -43.07 -8.02
C THR A 325 -12.79 -43.29 -6.80
N MET A 326 -13.30 -43.08 -5.60
CA MET A 326 -12.50 -43.30 -4.41
C MET A 326 -12.09 -44.77 -4.24
N LYS A 327 -12.94 -45.71 -4.62
CA LYS A 327 -12.54 -47.12 -4.65
C LYS A 327 -11.39 -47.35 -5.64
N ILE A 328 -11.51 -46.76 -6.82
CA ILE A 328 -10.45 -46.88 -7.82
C ILE A 328 -9.12 -46.33 -7.28
N ILE A 329 -9.16 -45.13 -6.72
CA ILE A 329 -7.94 -44.58 -6.11
C ILE A 329 -7.37 -45.49 -5.01
N ALA A 330 -8.20 -45.89 -4.07
CA ALA A 330 -7.75 -46.74 -2.97
C ALA A 330 -7.08 -48.02 -3.48
N LYS A 331 -7.65 -48.62 -4.53
CA LYS A 331 -7.09 -49.83 -5.12
C LYS A 331 -5.66 -49.61 -5.66
N HIS A 332 -5.39 -48.43 -6.20
CA HIS A 332 -4.13 -48.23 -6.90
C HIS A 332 -3.05 -47.53 -6.06
N LEU A 333 -3.44 -46.94 -4.93
CA LEU A 333 -2.47 -46.20 -4.12
C LEU A 333 -1.29 -47.04 -3.61
N PRO A 334 -1.56 -48.26 -3.11
CA PRO A 334 -0.42 -49.04 -2.61
C PRO A 334 0.70 -49.20 -3.67
N SER A 335 0.29 -49.41 -4.93
CA SER A 335 1.21 -49.59 -6.04
C SER A 335 2.01 -48.33 -6.34
N GLU A 336 1.31 -47.20 -6.35
CA GLU A 336 1.95 -45.90 -6.53
C GLU A 336 3.02 -45.66 -5.49
N PHE A 337 2.66 -45.85 -4.22
CA PHE A 337 3.60 -45.60 -3.14
C PHE A 337 4.73 -46.64 -3.10
N ALA A 338 4.43 -47.88 -3.49
CA ALA A 338 5.46 -48.92 -3.51
C ALA A 338 6.51 -48.61 -4.55
N ARG A 339 6.11 -48.00 -5.67
CA ARG A 339 7.08 -47.68 -6.71
C ARG A 339 7.87 -46.40 -6.40
N GLY A 340 7.45 -45.70 -5.36
CA GLY A 340 8.06 -44.42 -5.02
C GLY A 340 7.29 -43.34 -5.74
N VAL A 341 7.01 -42.24 -5.04
CA VAL A 341 6.24 -41.18 -5.66
C VAL A 341 7.18 -40.06 -6.05
N GLU A 342 7.28 -39.83 -7.35
CA GLU A 342 8.16 -38.81 -7.90
CA GLU A 342 8.18 -38.80 -7.86
C GLU A 342 7.59 -37.41 -7.66
N SER A 343 8.46 -36.45 -7.36
CA SER A 343 8.01 -35.09 -7.16
C SER A 343 7.69 -34.43 -8.50
N PRO A 344 6.64 -33.61 -8.54
CA PRO A 344 6.36 -32.83 -9.75
C PRO A 344 7.46 -31.78 -10.02
N ASP A 345 8.26 -31.48 -9.01
CA ASP A 345 9.43 -30.63 -9.19
C ASP A 345 10.66 -31.50 -9.46
N SER A 346 11.05 -31.61 -10.73
CA SER A 346 12.16 -32.46 -11.14
C SER A 346 13.50 -32.06 -10.54
N THR A 347 13.56 -30.86 -9.97
CA THR A 347 14.79 -30.38 -9.33
C THR A 347 14.86 -30.88 -7.88
N ASP A 348 13.77 -31.43 -7.38
CA ASP A 348 13.75 -32.00 -6.03
C ASP A 348 14.83 -33.08 -5.91
N GLU A 349 15.49 -33.08 -4.76
CA GLU A 349 16.67 -33.92 -4.58
C GLU A 349 16.28 -35.32 -4.13
N LYS A 350 15.01 -35.47 -3.76
CA LYS A 350 14.47 -36.75 -3.35
C LYS A 350 13.04 -36.92 -3.87
N PRO A 351 12.59 -38.19 -3.99
CA PRO A 351 11.19 -38.49 -4.30
C PRO A 351 10.33 -38.01 -3.15
N LEU A 352 9.02 -37.82 -3.37
CA LEU A 352 8.14 -37.41 -2.29
C LEU A 352 7.91 -38.58 -1.33
N PHE A 353 8.10 -39.79 -1.85
CA PHE A 353 7.96 -41.00 -1.04
C PHE A 353 8.88 -42.05 -1.63
N PRO A 354 9.72 -42.67 -0.80
CA PRO A 354 10.74 -43.58 -1.34
C PRO A 354 10.15 -44.87 -1.92
N PRO A 355 10.88 -45.54 -2.83
CA PRO A 355 10.46 -46.81 -3.38
C PRO A 355 10.61 -47.90 -2.32
N SER A 356 9.87 -48.99 -2.47
CA SER A 356 9.71 -49.98 -1.40
C SER A 356 11.02 -50.65 -0.94
N TYR A 357 12.00 -50.75 -1.84
CA TYR A 357 13.28 -51.34 -1.45
C TYR A 357 14.04 -50.47 -0.44
N LYS A 358 13.54 -49.27 -0.21
CA LYS A 358 14.16 -48.34 0.74
C LYS A 358 13.22 -48.00 1.90
N HIS A 359 12.17 -48.78 2.08
CA HIS A 359 11.23 -48.51 3.18
C HIS A 359 11.80 -48.91 4.54
N GLY A 360 11.72 -47.99 5.50
CA GLY A 360 11.93 -48.34 6.89
C GLY A 360 10.57 -48.38 7.57
N PRO A 361 10.54 -48.47 8.90
CA PRO A 361 9.32 -48.55 9.71
C PRO A 361 8.25 -47.51 9.35
N ARG A 362 8.66 -46.27 9.16
CA ARG A 362 7.71 -45.21 8.83
C ARG A 362 6.95 -45.53 7.53
N GLU A 363 7.68 -45.92 6.50
CA GLU A 363 7.05 -46.15 5.20
C GLU A 363 6.23 -47.44 5.25
N MET A 364 6.69 -48.41 6.02
CA MET A 364 5.98 -49.68 6.15
C MET A 364 4.63 -49.47 6.84
N ASP A 365 4.61 -48.60 7.84
CA ASP A 365 3.37 -48.23 8.50
C ASP A 365 2.39 -47.57 7.50
N ILE A 366 2.88 -46.60 6.72
CA ILE A 366 2.09 -46.01 5.64
C ILE A 366 1.56 -47.07 4.66
N MET A 367 2.42 -47.98 4.19
CA MET A 367 1.97 -49.02 3.26
C MET A 367 0.85 -49.87 3.85
N SER A 368 0.97 -50.20 5.14
CA SER A 368 -0.01 -51.10 5.74
C SER A 368 -1.36 -50.40 5.87
N LYS A 369 -1.35 -49.11 6.18
CA LYS A 369 -2.59 -48.37 6.19
C LYS A 369 -3.19 -48.17 4.81
N LEU A 370 -2.36 -47.90 3.81
CA LEU A 370 -2.87 -47.78 2.45
C LEU A 370 -3.51 -49.09 1.95
N GLU A 371 -2.91 -50.23 2.29
CA GLU A 371 -3.43 -51.52 1.85
C GLU A 371 -4.79 -51.83 2.51
N ARG A 372 -4.96 -51.31 3.72
CA ARG A 372 -6.22 -51.46 4.44
C ARG A 372 -7.39 -50.67 3.80
N LEU A 373 -7.11 -49.51 3.20
CA LEU A 373 -8.17 -48.63 2.72
C LEU A 373 -9.17 -49.28 1.74
N PRO A 374 -8.68 -49.96 0.69
CA PRO A 374 -9.65 -50.54 -0.24
C PRO A 374 -10.56 -51.59 0.41
N GLU A 375 -10.07 -52.28 1.44
CA GLU A 375 -10.86 -53.24 2.22
C GLU A 375 -12.00 -52.55 2.97
N ILE A 376 -11.66 -51.46 3.64
CA ILE A 376 -12.68 -50.66 4.31
C ILE A 376 -13.79 -50.20 3.36
N LEU A 377 -13.40 -49.69 2.19
CA LEU A 377 -14.37 -49.14 1.24
C LEU A 377 -15.23 -50.22 0.65
N SER A 378 -14.62 -51.39 0.42
CA SER A 378 -15.35 -52.58 -0.06
C SER A 378 -16.36 -53.07 0.95
N SER A 379 -15.93 -53.25 2.19
CA SER A 379 -16.83 -53.74 3.21
C SER A 379 -17.97 -52.76 3.52
N ALA A 380 -17.73 -51.45 3.34
CA ALA A 380 -18.80 -50.48 3.55
C ALA A 380 -19.85 -50.67 2.45
N GLU A 381 -19.36 -50.90 1.24
CA GLU A 381 -20.23 -51.03 0.08
C GLU A 381 -21.20 -52.21 0.23
N SER A 382 -20.76 -53.25 0.92
CA SER A 382 -21.56 -54.46 1.05
C SER A 382 -22.19 -54.62 2.45
N ALA A 383 -22.23 -53.55 3.24
CA ALA A 383 -22.83 -53.62 4.57
C ALA A 383 -24.33 -53.92 4.55
N ASP A 384 -24.87 -54.24 5.72
CA ASP A 384 -26.25 -54.73 5.87
C ASP A 384 -27.30 -53.65 5.84
N SER A 385 -26.97 -52.47 6.37
CA SER A 385 -27.91 -51.36 6.38
C SER A 385 -27.16 -50.08 6.05
N LYS A 386 -27.91 -48.99 5.91
CA LYS A 386 -27.29 -47.68 5.71
C LYS A 386 -26.47 -47.31 6.93
N SER A 387 -27.05 -47.54 8.11
CA SER A 387 -26.36 -47.32 9.38
C SER A 387 -25.02 -48.05 9.48
N GLU A 388 -25.02 -49.34 9.21
CA GLU A 388 -23.79 -50.14 9.19
CA GLU A 388 -23.77 -50.08 9.23
C GLU A 388 -22.81 -49.64 8.13
N ALA A 389 -23.36 -49.19 6.99
CA ALA A 389 -22.54 -48.71 5.88
C ALA A 389 -21.75 -47.50 6.33
N LEU A 390 -22.45 -46.54 6.93
CA LEU A 390 -21.83 -45.34 7.47
C LEU A 390 -20.73 -45.68 8.48
N LYS A 391 -21.04 -46.56 9.43
CA LYS A 391 -20.06 -46.94 10.44
C LYS A 391 -18.79 -47.52 9.79
N LYS A 392 -18.99 -48.40 8.82
CA LYS A 392 -17.86 -49.00 8.12
C LYS A 392 -17.00 -47.95 7.40
N ILE A 393 -17.62 -47.11 6.57
CA ILE A 393 -16.81 -46.15 5.81
C ILE A 393 -16.18 -45.10 6.73
N ASN A 394 -16.83 -44.82 7.85
CA ASN A 394 -16.24 -43.92 8.83
C ASN A 394 -14.99 -44.49 9.52
N MET A 395 -14.69 -45.75 9.27
CA MET A 395 -13.43 -46.31 9.73
C MET A 395 -12.28 -45.73 8.93
N ALA A 396 -12.57 -45.30 7.70
CA ALA A 396 -11.54 -44.67 6.88
C ALA A 396 -11.41 -43.17 7.16
N PHE A 397 -12.54 -42.48 7.30
CA PHE A 397 -12.52 -41.00 7.40
C PHE A 397 -12.86 -40.45 8.78
N GLY A 398 -13.09 -41.33 9.74
CA GLY A 398 -13.50 -40.90 11.06
C GLY A 398 -14.97 -40.60 11.15
N ASN A 399 -15.45 -40.38 12.37
CA ASN A 399 -16.84 -40.09 12.62
C ASN A 399 -17.09 -38.59 12.41
N ARG A 400 -17.16 -38.21 11.15
CA ARG A 400 -17.34 -36.80 10.78
C ARG A 400 -18.71 -36.65 10.16
N VAL A 401 -18.98 -37.44 9.13
CA VAL A 401 -20.32 -37.54 8.58
C VAL A 401 -21.19 -38.40 9.49
N THR A 402 -22.36 -37.88 9.87
CA THR A 402 -23.26 -38.61 10.76
C THR A 402 -24.61 -38.97 10.14
N ASN A 403 -24.95 -38.30 9.04
CA ASN A 403 -26.23 -38.53 8.38
C ASN A 403 -26.21 -39.78 7.49
N SER A 404 -26.67 -40.90 8.01
CA SER A 404 -26.64 -42.14 7.24
C SER A 404 -27.58 -42.07 6.02
N GLU A 405 -28.51 -41.12 6.02
CA GLU A 405 -29.45 -41.03 4.90
C GLU A 405 -28.80 -40.47 3.63
N LEU A 406 -27.56 -40.01 3.77
CA LEU A 406 -26.77 -39.63 2.61
C LEU A 406 -26.44 -40.84 1.75
N ILE A 407 -26.34 -42.01 2.39
CA ILE A 407 -25.96 -43.23 1.69
C ILE A 407 -27.17 -43.83 0.96
N VAL A 408 -27.01 -44.17 -0.31
CA VAL A 408 -28.15 -44.63 -1.10
C VAL A 408 -27.92 -46.02 -1.68
N LEU A 409 -28.98 -46.81 -1.70
CA LEU A 409 -28.91 -48.16 -2.24
C LEU A 409 -28.61 -48.07 -3.73
N ALA A 410 -27.53 -48.72 -4.17
CA ALA A 410 -27.16 -48.66 -5.58
C ALA A 410 -28.21 -49.33 -6.48
N LYS A 411 -28.38 -48.75 -7.67
CA LYS A 411 -29.43 -49.15 -8.61
C LYS A 411 -29.41 -50.64 -8.95
N ARG B 2 -32.76 -5.58 -5.57
CA ARG B 2 -34.02 -5.09 -6.11
C ARG B 2 -34.01 -3.57 -6.30
N MET B 3 -33.43 -2.85 -5.35
CA MET B 3 -33.36 -1.39 -5.44
C MET B 3 -32.14 -0.92 -6.22
N THR B 4 -32.33 0.16 -6.97
CA THR B 4 -31.23 0.84 -7.63
C THR B 4 -31.41 2.33 -7.46
N TRP B 5 -30.45 2.95 -6.80
CA TRP B 5 -30.52 4.37 -6.48
C TRP B 5 -29.63 5.18 -7.40
N ASN B 6 -30.07 6.39 -7.72
CA ASN B 6 -29.28 7.32 -8.51
C ASN B 6 -28.77 8.44 -7.60
N PHE B 7 -27.48 8.72 -7.63
CA PHE B 7 -26.90 9.68 -6.71
C PHE B 7 -26.54 11.03 -7.33
N HIS B 8 -26.94 11.26 -8.58
CA HIS B 8 -26.62 12.53 -9.24
C HIS B 8 -26.93 13.76 -8.38
N GLN B 9 -28.14 13.85 -7.84
CA GLN B 9 -28.51 15.02 -7.03
C GLN B 9 -27.76 15.00 -5.69
N TYR B 10 -27.54 13.80 -5.16
CA TYR B 10 -26.79 13.69 -3.91
C TYR B 10 -25.46 14.39 -4.09
N TYR B 11 -24.89 14.26 -5.28
CA TYR B 11 -23.57 14.82 -5.52
C TYR B 11 -23.62 16.32 -5.84
N THR B 12 -24.60 16.73 -6.62
CA THR B 12 -24.52 18.05 -7.26
C THR B 12 -25.46 19.12 -6.75
N ASN B 13 -26.49 18.74 -5.98
CA ASN B 13 -27.40 19.77 -5.50
C ASN B 13 -26.64 20.86 -4.71
N ARG B 14 -26.79 22.12 -5.13
CA ARG B 14 -25.91 23.18 -4.62
C ARG B 14 -26.30 23.70 -3.24
N ASN B 15 -27.49 23.30 -2.77
CA ASN B 15 -27.94 23.62 -1.42
C ASN B 15 -27.59 22.48 -0.44
N ASP B 16 -28.14 21.30 -0.71
CA ASP B 16 -28.05 20.17 0.23
C ASP B 16 -27.07 19.08 -0.18
N GLY B 17 -26.68 19.07 -1.45
CA GLY B 17 -25.90 17.96 -1.96
C GLY B 17 -24.46 18.13 -1.58
N LEU B 18 -23.61 17.23 -2.02
CA LEU B 18 -22.22 17.27 -1.63
C LEU B 18 -21.55 18.56 -2.09
N MET B 19 -21.81 18.97 -3.32
CA MET B 19 -21.29 20.24 -3.83
C MET B 19 -21.72 21.39 -2.92
N GLY B 20 -22.99 21.35 -2.48
CA GLY B 20 -23.48 22.35 -1.52
C GLY B 20 -22.68 22.38 -0.23
N LYS B 21 -22.24 21.23 0.24
CA LYS B 21 -21.45 21.15 1.46
C LYS B 21 -19.98 21.50 1.25
N LEU B 22 -19.46 21.30 0.04
CA LEU B 22 -18.01 21.48 -0.19
C LEU B 22 -17.64 22.90 -0.60
N VAL B 23 -18.51 23.55 -1.37
CA VAL B 23 -18.21 24.87 -1.87
C VAL B 23 -18.25 25.94 -0.77
N LEU B 24 -17.21 26.78 -0.71
CA LEU B 24 -17.14 27.90 0.23
C LEU B 24 -18.24 28.92 -0.02
N THR B 25 -18.88 29.41 1.03
CA THR B 25 -19.81 30.53 0.83
C THR B 25 -19.06 31.77 0.34
N ASP B 26 -19.75 32.65 -0.37
CA ASP B 26 -19.11 33.84 -0.91
C ASP B 26 -18.52 34.69 0.22
N GLU B 27 -18.94 34.41 1.44
CA GLU B 27 -18.41 35.05 2.63
C GLU B 27 -17.02 34.50 2.97
N GLU B 28 -16.94 33.19 3.19
CA GLU B 28 -15.68 32.56 3.54
C GLU B 28 -14.63 32.77 2.44
N LYS B 29 -15.09 32.87 1.19
CA LYS B 29 -14.22 33.22 0.08
C LYS B 29 -13.64 34.60 0.30
N ASN B 30 -14.51 35.56 0.57
CA ASN B 30 -14.10 36.94 0.81
C ASN B 30 -13.17 37.05 2.01
N ASN B 31 -13.42 36.21 3.00
CA ASN B 31 -12.58 36.09 4.18
C ASN B 31 -11.15 35.64 3.86
N LEU B 32 -11.01 34.69 2.93
CA LEU B 32 -9.69 34.27 2.47
C LEU B 32 -9.03 35.37 1.66
N LYS B 33 -9.81 36.03 0.82
CA LYS B 33 -9.28 37.12 0.02
C LYS B 33 -8.78 38.24 0.94
N ALA B 34 -9.51 38.46 2.04
CA ALA B 34 -9.17 39.52 2.99
C ALA B 34 -7.82 39.21 3.61
N LEU B 35 -7.62 37.95 3.94
CA LEU B 35 -6.41 37.49 4.57
C LEU B 35 -5.23 37.59 3.61
N ARG B 36 -5.45 37.18 2.36
CA ARG B 36 -4.43 37.32 1.34
C ARG B 36 -4.00 38.78 1.18
N LYS B 37 -4.96 39.68 1.20
CA LYS B 37 -4.67 41.11 1.02
C LYS B 37 -3.79 41.64 2.14
N ILE B 38 -4.16 41.30 3.36
CA ILE B 38 -3.38 41.64 4.53
C ILE B 38 -1.92 41.16 4.38
N ILE B 39 -1.72 39.94 3.90
CA ILE B 39 -0.36 39.42 3.79
C ILE B 39 0.40 40.16 2.70
N ARG B 40 -0.25 40.37 1.57
CA ARG B 40 0.39 41.10 0.47
C ARG B 40 0.80 42.53 0.84
N LEU B 41 -0.05 43.23 1.60
CA LEU B 41 0.28 44.61 2.01
C LEU B 41 1.48 44.62 2.92
N ARG B 42 1.52 43.68 3.88
CA ARG B 42 2.60 43.70 4.85
C ARG B 42 3.91 43.40 4.14
N THR B 43 3.88 42.44 3.21
CA THR B 43 5.08 42.05 2.48
C THR B 43 5.61 43.24 1.68
N ARG B 44 4.71 43.91 0.96
CA ARG B 44 5.09 45.12 0.22
C ARG B 44 5.68 46.15 1.18
N ASP B 45 5.01 46.37 2.31
CA ASP B 45 5.45 47.34 3.31
C ASP B 45 6.83 47.00 3.87
N VAL B 46 7.07 45.73 4.16
CA VAL B 46 8.37 45.31 4.70
C VAL B 46 9.47 45.53 3.68
N PHE B 47 9.23 45.18 2.42
CA PHE B 47 10.21 45.43 1.38
C PHE B 47 10.48 46.94 1.16
N GLU B 48 9.45 47.75 1.37
CA GLU B 48 9.64 49.20 1.26
C GLU B 48 10.53 49.70 2.38
N GLU B 49 10.32 49.21 3.60
CA GLU B 49 11.17 49.55 4.75
C GLU B 49 12.63 49.19 4.47
N ALA B 50 12.84 47.98 3.97
CA ALA B 50 14.18 47.51 3.66
C ALA B 50 14.80 48.35 2.57
N LYS B 51 14.03 48.72 1.56
CA LYS B 51 14.59 49.52 0.46
C LYS B 51 14.90 50.92 0.94
N GLY B 52 14.11 51.42 1.86
CA GLY B 52 14.38 52.70 2.48
C GLY B 52 15.76 52.71 3.12
N ILE B 53 16.08 51.65 3.85
CA ILE B 53 17.38 51.55 4.53
C ILE B 53 18.52 51.43 3.51
N ALA B 54 18.29 50.63 2.49
CA ALA B 54 19.23 50.53 1.38
C ALA B 54 19.43 51.87 0.69
N LYS B 55 18.35 52.63 0.55
CA LYS B 55 18.42 53.94 -0.09
C LYS B 55 19.32 54.85 0.73
N ALA B 56 19.22 54.75 2.05
CA ALA B 56 20.03 55.58 2.93
C ALA B 56 21.50 55.22 2.82
N VAL B 57 21.80 53.93 2.64
CA VAL B 57 23.18 53.47 2.49
C VAL B 57 23.81 53.96 1.19
N LYS B 58 23.05 53.92 0.11
CA LYS B 58 23.53 54.42 -1.19
C LYS B 58 23.75 55.93 -1.16
N LYS B 59 22.84 56.64 -0.49
CA LYS B 59 22.92 58.09 -0.36
C LYS B 59 24.24 58.50 0.30
N SER B 60 24.39 58.09 1.55
CA SER B 60 25.60 58.37 2.31
C SER B 60 25.93 57.12 3.10
N ALA B 61 27.11 56.56 2.88
CA ALA B 61 27.49 55.30 3.52
C ALA B 61 27.34 55.35 5.03
N LEU B 62 26.61 54.38 5.56
CA LEU B 62 26.35 54.25 6.99
C LEU B 62 27.13 53.08 7.56
N THR B 63 27.47 53.15 8.84
CA THR B 63 28.18 52.06 9.52
C THR B 63 27.25 50.88 9.74
N PHE B 64 27.82 49.73 10.07
CA PHE B 64 26.98 48.58 10.37
C PHE B 64 26.09 48.85 11.57
N GLU B 65 26.69 49.45 12.60
CA GLU B 65 25.97 49.78 13.82
C GLU B 65 24.73 50.64 13.53
N ILE B 66 24.88 51.63 12.66
CA ILE B 66 23.75 52.48 12.26
C ILE B 66 22.67 51.71 11.49
N ILE B 67 23.10 50.94 10.49
CA ILE B 67 22.15 50.14 9.71
C ILE B 67 21.36 49.23 10.63
N GLN B 68 22.04 48.63 11.60
CA GLN B 68 21.41 47.75 12.58
C GLN B 68 20.32 48.45 13.39
N GLU B 69 20.60 49.66 13.86
CA GLU B 69 19.61 50.45 14.62
C GLU B 69 18.36 50.78 13.80
N LYS B 70 18.55 51.13 12.53
CA LYS B 70 17.46 51.34 11.60
C LYS B 70 16.58 50.09 11.41
N VAL B 71 17.22 48.92 11.28
CA VAL B 71 16.48 47.67 11.07
C VAL B 71 15.62 47.31 12.29
N SER B 72 16.11 47.64 13.48
CA SER B 72 15.39 47.34 14.71
C SER B 72 14.16 48.22 14.89
N THR B 73 14.09 49.32 14.14
CA THR B 73 12.96 50.24 14.25
C THR B 73 11.89 49.98 13.19
N THR B 74 12.14 49.02 12.32
CA THR B 74 11.17 48.65 11.28
C THR B 74 10.47 47.37 11.70
N GLN B 75 9.54 46.89 10.86
CA GLN B 75 8.79 45.70 11.22
C GLN B 75 9.63 44.45 11.16
N ILE B 76 10.87 44.61 10.71
CA ILE B 76 11.84 43.53 10.76
C ILE B 76 12.21 43.22 12.21
N LYS B 77 11.83 44.12 13.11
CA LYS B 77 12.04 43.95 14.55
C LYS B 77 11.42 42.65 15.07
N HIS B 78 10.49 42.07 14.30
CA HIS B 78 9.81 40.84 14.74
C HIS B 78 10.53 39.54 14.39
N LEU B 79 11.70 39.67 13.79
CA LEU B 79 12.59 38.52 13.66
C LEU B 79 13.41 38.43 14.95
N SER B 80 14.12 37.32 15.13
CA SER B 80 14.98 37.14 16.30
C SER B 80 16.13 38.13 16.25
N ASP B 81 16.78 38.36 17.38
CA ASP B 81 17.89 39.30 17.43
C ASP B 81 19.01 38.93 16.46
N SER B 82 19.26 37.64 16.29
CA SER B 82 20.30 37.18 15.36
C SER B 82 19.85 37.30 13.90
N GLU B 83 18.58 36.98 13.63
CA GLU B 83 18.03 37.19 12.30
C GLU B 83 18.06 38.67 11.89
N GLN B 84 17.82 39.55 12.86
CA GLN B 84 17.90 41.00 12.62
C GLN B 84 19.31 41.43 12.18
N ARG B 85 20.33 40.90 12.85
CA ARG B 85 21.72 41.21 12.51
C ARG B 85 22.08 40.71 11.11
N GLU B 86 21.56 39.54 10.75
CA GLU B 86 21.77 38.97 9.43
C GLU B 86 21.26 39.91 8.34
N VAL B 87 20.02 40.40 8.50
CA VAL B 87 19.46 41.34 7.54
C VAL B 87 20.31 42.57 7.39
N ALA B 88 20.75 43.13 8.53
CA ALA B 88 21.53 44.35 8.52
C ALA B 88 22.89 44.12 7.85
N LYS B 89 23.43 42.92 8.07
CA LYS B 89 24.69 42.52 7.44
C LYS B 89 24.54 42.45 5.92
N LEU B 90 23.52 41.71 5.47
CA LEU B 90 23.22 41.57 4.06
C LEU B 90 23.06 42.93 3.38
N ILE B 91 22.34 43.83 4.05
CA ILE B 91 22.14 45.18 3.52
C ILE B 91 23.44 45.96 3.50
N TYR B 92 24.30 45.70 4.48
CA TYR B 92 25.57 46.40 4.56
C TYR B 92 26.53 45.89 3.49
N GLU B 93 26.63 44.56 3.37
CA GLU B 93 27.60 43.91 2.48
C GLU B 93 27.28 43.98 0.98
N MET B 94 26.10 44.46 0.63
CA MET B 94 25.74 44.59 -0.79
C MET B 94 26.73 45.50 -1.51
N ASP B 95 27.12 45.12 -2.73
CA ASP B 95 27.92 46.01 -3.58
C ASP B 95 26.99 47.04 -4.20
N ASP B 96 27.56 48.03 -4.88
CA ASP B 96 26.75 49.10 -5.43
C ASP B 96 25.79 48.60 -6.52
N ASP B 97 26.12 47.48 -7.14
CA ASP B 97 25.30 46.91 -8.21
C ASP B 97 24.22 45.97 -7.68
N ALA B 98 24.55 45.24 -6.62
CA ALA B 98 23.55 44.41 -5.96
C ALA B 98 22.51 45.32 -5.33
N ARG B 99 22.96 46.45 -4.80
CA ARG B 99 22.09 47.37 -4.06
C ARG B 99 21.15 48.15 -4.97
N ASP B 100 21.63 48.51 -6.16
CA ASP B 100 20.78 49.16 -7.15
C ASP B 100 19.69 48.19 -7.63
N GLU B 101 20.06 46.92 -7.80
CA GLU B 101 19.12 45.87 -8.20
C GLU B 101 18.05 45.69 -7.11
N PHE B 102 18.46 45.79 -5.86
CA PHE B 102 17.54 45.64 -4.74
C PHE B 102 16.58 46.82 -4.67
N LEU B 103 17.09 48.01 -4.94
CA LEU B 103 16.28 49.22 -4.86
C LEU B 103 15.25 49.29 -5.97
N GLY B 104 15.46 48.49 -7.01
CA GLY B 104 14.48 48.38 -8.09
C GLY B 104 13.44 47.28 -7.86
N LEU B 105 13.71 46.39 -6.90
CA LEU B 105 12.84 45.23 -6.69
C LEU B 105 11.54 45.55 -5.95
N THR B 106 10.41 45.30 -6.60
CA THR B 106 9.10 45.34 -5.94
C THR B 106 8.40 43.99 -6.09
N PRO B 107 8.10 43.32 -4.96
CA PRO B 107 7.55 41.97 -5.05
C PRO B 107 6.15 41.96 -5.67
N ARG B 108 5.85 40.93 -6.45
CA ARG B 108 4.54 40.76 -7.07
C ARG B 108 3.91 39.51 -6.49
N PHE B 109 2.60 39.38 -6.63
CA PHE B 109 1.87 38.30 -5.99
C PHE B 109 0.96 37.58 -6.97
N TRP B 110 0.84 36.27 -6.79
CA TRP B 110 -0.11 35.50 -7.57
C TRP B 110 -0.49 34.23 -6.83
N THR B 111 -1.78 34.00 -6.69
CA THR B 111 -2.32 32.82 -6.03
C THR B 111 -2.23 31.56 -6.91
N GLN B 112 -1.84 30.44 -6.31
CA GLN B 112 -1.82 29.15 -7.00
C GLN B 112 -2.65 28.16 -6.17
N GLY B 113 -2.90 26.96 -6.71
CA GLY B 113 -3.58 25.94 -5.92
C GLY B 113 -5.09 26.01 -6.06
N SER B 114 -5.79 25.29 -5.18
CA SER B 114 -7.23 25.10 -5.34
C SER B 114 -8.05 26.38 -5.22
N PHE B 115 -7.53 27.40 -4.52
CA PHE B 115 -8.26 28.68 -4.50
C PHE B 115 -8.25 29.29 -5.89
N GLN B 116 -7.17 29.07 -6.64
CA GLN B 116 -7.02 29.65 -7.97
C GLN B 116 -7.79 28.88 -9.04
N TYR B 117 -7.70 27.56 -9.05
CA TYR B 117 -8.45 26.80 -10.04
C TYR B 117 -9.75 26.20 -9.51
N ASP B 118 -10.22 26.77 -8.40
CA ASP B 118 -11.60 26.60 -7.92
C ASP B 118 -11.99 25.18 -7.50
N THR B 119 -11.15 24.58 -6.67
CA THR B 119 -11.44 23.24 -6.15
C THR B 119 -11.24 23.21 -4.64
N LEU B 120 -11.25 24.39 -4.00
CA LEU B 120 -11.01 24.46 -2.56
C LEU B 120 -12.25 24.04 -1.74
N ASN B 121 -12.14 22.93 -0.99
CA ASN B 121 -13.28 22.42 -0.24
C ASN B 121 -13.33 22.96 1.18
N ARG B 122 -14.53 23.12 1.71
CA ARG B 122 -14.71 23.33 3.15
C ARG B 122 -14.09 22.12 3.88
N PRO B 123 -13.34 22.39 4.97
CA PRO B 123 -12.66 21.25 5.60
C PRO B 123 -13.64 20.38 6.39
N PHE B 124 -13.28 19.13 6.65
CA PHE B 124 -14.21 18.19 7.26
C PHE B 124 -13.86 17.81 8.71
N GLN B 125 -12.69 17.22 8.90
CA GLN B 125 -12.34 16.72 10.23
C GLN B 125 -11.60 17.77 11.04
N PRO B 126 -11.67 17.62 12.37
CA PRO B 126 -10.87 18.45 13.28
C PRO B 126 -9.41 18.42 12.83
N GLY B 127 -8.82 19.60 12.63
CA GLY B 127 -7.42 19.67 12.22
C GLY B 127 -7.22 19.93 10.74
N GLN B 128 -8.19 19.58 9.91
CA GLN B 128 -8.07 19.87 8.49
C GLN B 128 -8.40 21.34 8.29
N GLU B 129 -7.70 21.98 7.36
CA GLU B 129 -7.76 23.42 7.17
C GLU B 129 -7.94 23.80 5.70
N MET B 130 -8.59 24.93 5.46
CA MET B 130 -8.58 25.56 4.14
C MET B 130 -7.22 26.17 3.92
N ASP B 131 -6.68 25.99 2.73
CA ASP B 131 -5.36 26.53 2.38
C ASP B 131 -5.49 27.48 1.20
N ILE B 132 -4.93 28.68 1.34
CA ILE B 132 -4.75 29.52 0.16
C ILE B 132 -3.25 29.71 -0.11
N ASP B 133 -2.85 29.52 -1.35
CA ASP B 133 -1.44 29.53 -1.73
C ASP B 133 -1.11 30.80 -2.50
N ASP B 134 -0.61 31.82 -1.81
CA ASP B 134 -0.28 33.07 -2.48
C ASP B 134 1.22 33.23 -2.59
N GLY B 135 1.73 33.05 -3.81
CA GLY B 135 3.15 33.17 -4.08
C GLY B 135 3.63 34.60 -4.12
N THR B 136 4.85 34.82 -3.64
CA THR B 136 5.51 36.10 -3.77
C THR B 136 6.60 35.99 -4.81
N TYR B 137 6.56 36.87 -5.80
CA TYR B 137 7.47 36.82 -6.93
C TYR B 137 8.46 37.98 -6.89
N MET B 138 9.74 37.66 -7.08
CA MET B 138 10.78 38.68 -7.14
C MET B 138 11.34 38.78 -8.55
N PRO B 139 11.08 39.89 -9.25
CA PRO B 139 11.64 40.07 -10.58
C PRO B 139 13.11 40.42 -10.48
N MET B 140 13.96 39.59 -11.06
CA MET B 140 15.39 39.75 -10.96
C MET B 140 16.01 39.26 -12.25
N PRO B 141 17.26 39.67 -12.53
CA PRO B 141 17.99 39.17 -13.71
C PRO B 141 18.11 37.64 -13.65
N ILE B 142 18.28 36.99 -14.80
CA ILE B 142 18.42 35.54 -14.83
C ILE B 142 19.77 35.17 -14.24
N PHE B 143 19.81 34.09 -13.46
CA PHE B 143 21.02 33.66 -12.77
C PHE B 143 21.21 32.15 -12.92
N GLU B 144 22.45 31.70 -12.97
CA GLU B 144 22.75 30.28 -13.09
C GLU B 144 22.91 29.59 -11.73
N SER B 145 23.39 30.34 -10.74
CA SER B 145 23.63 29.79 -9.41
C SER B 145 22.85 30.55 -8.34
N GLU B 146 23.36 31.71 -7.95
CA GLU B 146 22.71 32.58 -6.97
C GLU B 146 22.52 33.98 -7.53
N PRO B 147 21.31 34.54 -7.38
CA PRO B 147 21.03 35.88 -7.88
C PRO B 147 21.80 36.94 -7.10
N LYS B 148 21.94 38.13 -7.67
CA LYS B 148 22.64 39.23 -7.01
C LYS B 148 22.04 39.49 -5.63
N ILE B 149 20.72 39.60 -5.57
CA ILE B 149 20.02 39.73 -4.29
C ILE B 149 19.96 38.36 -3.61
N GLY B 150 20.48 38.29 -2.39
CA GLY B 150 20.59 37.03 -1.68
C GLY B 150 19.26 36.32 -1.50
N HIS B 151 19.30 35.02 -1.76
CA HIS B 151 18.21 34.10 -1.42
C HIS B 151 17.85 34.25 0.05
N SER B 152 18.88 34.37 0.89
CA SER B 152 18.66 34.46 2.33
C SER B 152 18.05 35.82 2.70
N LEU B 153 18.46 36.87 2.02
CA LEU B 153 17.85 38.17 2.26
C LEU B 153 16.35 38.12 1.95
N LEU B 154 15.99 37.54 0.81
CA LEU B 154 14.60 37.48 0.37
C LEU B 154 13.73 36.68 1.34
N ILE B 155 14.28 35.56 1.80
CA ILE B 155 13.55 34.68 2.68
C ILE B 155 13.36 35.32 4.06
N LEU B 156 14.37 36.04 4.53
CA LEU B 156 14.27 36.76 5.78
C LEU B 156 13.21 37.88 5.74
N LEU B 157 13.17 38.65 4.66
CA LEU B 157 12.16 39.70 4.52
C LEU B 157 10.73 39.16 4.46
N VAL B 158 10.53 38.03 3.74
CA VAL B 158 9.22 37.41 3.69
C VAL B 158 8.85 36.86 5.07
N ASP B 159 9.83 36.29 5.75
CA ASP B 159 9.60 35.80 7.11
C ASP B 159 9.25 36.98 8.02
N ALA B 160 9.94 38.10 7.83
CA ALA B 160 9.68 39.28 8.64
C ALA B 160 8.23 39.73 8.46
N SER B 161 7.76 39.67 7.22
CA SER B 161 6.42 40.12 6.95
C SER B 161 5.41 39.25 7.69
N LEU B 162 5.52 37.94 7.49
CA LEU B 162 4.65 36.97 8.16
C LEU B 162 4.69 37.05 9.69
N LYS B 163 5.89 37.14 10.26
CA LYS B 163 6.05 37.16 11.70
C LYS B 163 5.57 38.47 12.32
N SER B 164 5.69 39.58 11.59
CA SER B 164 5.16 40.85 12.05
C SER B 164 3.64 40.78 12.18
N LEU B 165 2.99 40.00 11.32
CA LEU B 165 1.53 39.85 11.36
C LEU B 165 1.06 38.91 12.48
N VAL B 166 1.76 37.80 12.65
CA VAL B 166 1.51 36.93 13.80
C VAL B 166 1.59 37.72 15.10
N ALA B 167 2.60 38.60 15.21
CA ALA B 167 2.78 39.46 16.39
C ALA B 167 1.57 40.39 16.67
N GLU B 168 0.67 40.55 15.71
CA GLU B 168 -0.46 41.47 15.82
C GLU B 168 -1.80 40.77 15.91
N ASN B 169 -1.77 39.44 16.00
CA ASN B 169 -2.98 38.63 15.99
C ASN B 169 -2.91 37.46 16.94
N HIS B 170 -3.69 37.52 18.02
CA HIS B 170 -3.84 36.37 18.89
C HIS B 170 -4.26 35.16 18.06
N GLY B 171 -3.63 34.01 18.30
CA GLY B 171 -4.04 32.77 17.68
C GLY B 171 -3.47 32.50 16.29
N TRP B 172 -2.59 33.37 15.82
CA TRP B 172 -1.89 33.13 14.58
C TRP B 172 -0.54 32.52 14.94
N LYS B 173 -0.05 31.62 14.11
CA LYS B 173 1.24 30.95 14.32
C LYS B 173 2.02 30.94 13.03
N PHE B 174 3.32 31.26 13.11
CA PHE B 174 4.19 31.16 11.95
C PHE B 174 4.77 29.75 11.86
N GLU B 175 4.85 29.21 10.66
CA GLU B 175 5.45 27.91 10.46
C GLU B 175 6.34 27.96 9.23
N ALA B 176 7.61 27.59 9.40
CA ALA B 176 8.51 27.47 8.26
C ALA B 176 8.39 26.08 7.64
N LYS B 177 8.06 26.03 6.36
CA LYS B 177 8.05 24.78 5.63
C LYS B 177 9.17 24.83 4.60
N GLN B 178 9.47 23.70 3.98
CA GLN B 178 10.57 23.66 3.02
C GLN B 178 10.33 24.56 1.80
N THR B 179 9.09 24.65 1.34
CA THR B 179 8.78 25.38 0.11
C THR B 179 8.05 26.71 0.32
N CYS B 180 7.78 27.07 1.57
CA CYS B 180 7.07 28.32 1.84
C CYS B 180 7.15 28.74 3.29
N GLY B 181 6.73 29.97 3.56
CA GLY B 181 6.39 30.40 4.91
C GLY B 181 4.88 30.24 5.06
N ARG B 182 4.42 29.98 6.27
CA ARG B 182 2.99 29.71 6.46
C ARG B 182 2.44 30.45 7.67
N ILE B 183 1.21 30.96 7.55
CA ILE B 183 0.49 31.44 8.70
C ILE B 183 -0.70 30.55 8.94
N LYS B 184 -0.74 29.96 10.13
CA LYS B 184 -1.76 29.05 10.54
C LYS B 184 -2.72 29.79 11.47
N ILE B 185 -4.00 29.70 11.16
CA ILE B 185 -4.98 30.29 12.04
C ILE B 185 -5.92 29.18 12.44
N GLU B 186 -5.53 28.45 13.49
CA GLU B 186 -6.23 27.24 13.87
C GLU B 186 -7.71 27.45 14.12
N ALA B 187 -8.04 28.52 14.85
CA ALA B 187 -9.44 28.80 15.20
C ALA B 187 -10.31 29.13 14.00
N GLU B 188 -9.71 29.52 12.88
CA GLU B 188 -10.50 29.79 11.68
C GLU B 188 -10.34 28.64 10.67
N LYS B 189 -9.68 27.56 11.10
CA LYS B 189 -9.45 26.40 10.26
C LYS B 189 -8.82 26.79 8.91
N THR B 190 -7.82 27.68 8.98
CA THR B 190 -7.31 28.31 7.79
C THR B 190 -5.80 28.48 7.90
N HIS B 191 -5.12 28.33 6.77
CA HIS B 191 -3.72 28.71 6.71
C HIS B 191 -3.37 29.26 5.34
N ILE B 192 -2.42 30.19 5.32
CA ILE B 192 -1.99 30.77 4.08
C ILE B 192 -0.53 30.43 3.87
N ASP B 193 -0.24 29.84 2.72
CA ASP B 193 1.13 29.43 2.40
C ASP B 193 1.72 30.44 1.44
N VAL B 194 2.96 30.83 1.70
CA VAL B 194 3.63 31.82 0.88
C VAL B 194 4.91 31.28 0.26
N PRO B 195 4.79 30.61 -0.89
CA PRO B 195 5.99 30.23 -1.67
C PRO B 195 6.68 31.47 -2.24
N MET B 196 8.00 31.43 -2.39
CA MET B 196 8.72 32.55 -2.98
C MET B 196 9.42 32.20 -4.29
N TYR B 197 9.28 33.05 -5.29
CA TYR B 197 9.81 32.75 -6.61
C TYR B 197 10.68 33.87 -7.14
N ALA B 198 11.73 33.48 -7.85
CA ALA B 198 12.49 34.45 -8.60
C ALA B 198 12.05 34.32 -10.06
N ILE B 199 11.84 35.45 -10.72
CA ILE B 199 11.45 35.45 -12.13
C ILE B 199 12.28 36.46 -12.92
N PRO B 200 12.33 36.31 -14.25
CA PRO B 200 13.11 37.17 -15.14
C PRO B 200 12.57 38.60 -15.21
N LYS B 201 13.40 39.55 -14.78
CA LYS B 201 13.00 40.95 -14.69
C LYS B 201 12.68 41.53 -16.05
N ASP B 202 13.58 41.34 -17.00
CA ASP B 202 13.43 41.85 -18.36
C ASP B 202 12.12 41.41 -19.02
N GLU B 203 11.89 40.09 -19.07
CA GLU B 203 10.69 39.53 -19.67
C GLU B 203 9.45 39.96 -18.88
N PHE B 204 9.59 40.00 -17.57
CA PHE B 204 8.49 40.44 -16.71
C PHE B 204 8.12 41.89 -17.04
N GLN B 205 9.12 42.76 -17.12
CA GLN B 205 8.90 44.17 -17.42
C GLN B 205 8.25 44.37 -18.79
N LYS B 206 8.74 43.64 -19.79
CA LYS B 206 8.21 43.74 -21.14
C LYS B 206 6.77 43.20 -21.24
N LYS B 207 6.41 42.29 -20.34
CA LYS B 207 5.05 41.76 -20.28
C LYS B 207 4.08 42.76 -19.64
N GLN B 208 4.57 43.61 -18.73
CA GLN B 208 3.71 44.55 -18.03
C GLN B 208 3.48 45.83 -18.84
N ILE B 209 4.54 46.35 -19.44
CA ILE B 209 4.44 47.54 -20.27
C ILE B 209 3.40 47.30 -21.36
N ALA B 210 3.60 46.23 -22.12
CA ALA B 210 2.70 45.89 -23.23
C ALA B 210 1.34 45.46 -22.72
N LEU B 211 1.24 45.16 -21.43
CA LEU B 211 -0.03 44.79 -20.81
C LEU B 211 -1.02 45.94 -20.86
N THR B 237 -2.91 34.91 -18.47
CA THR B 237 -2.07 36.04 -18.10
C THR B 237 -0.73 36.09 -18.86
N TYR B 238 0.16 36.97 -18.43
CA TYR B 238 1.48 37.13 -19.05
C TYR B 238 2.41 36.00 -18.67
N GLU B 239 2.36 34.91 -19.44
CA GLU B 239 3.16 33.75 -19.11
C GLU B 239 4.62 34.00 -19.44
N LEU B 240 5.47 33.71 -18.46
CA LEU B 240 6.90 33.89 -18.61
C LEU B 240 7.53 32.54 -18.94
N ASP B 241 8.75 32.58 -19.47
CA ASP B 241 9.47 31.35 -19.78
C ASP B 241 9.64 30.53 -18.51
N SER B 242 8.98 29.38 -18.48
CA SER B 242 8.94 28.52 -17.28
C SER B 242 10.32 28.16 -16.75
N GLU B 243 11.30 28.06 -17.64
CA GLU B 243 12.64 27.65 -17.25
C GLU B 243 13.36 28.72 -16.42
N ASN B 244 12.75 29.89 -16.32
CA ASN B 244 13.31 30.98 -15.50
C ASN B 244 12.45 31.32 -14.28
N VAL B 245 11.47 30.47 -13.99
CA VAL B 245 10.68 30.64 -12.78
C VAL B 245 11.24 29.72 -11.71
N ASN B 246 11.86 30.31 -10.69
CA ASN B 246 12.59 29.54 -9.70
C ASN B 246 11.97 29.59 -8.32
N LEU B 247 11.63 28.42 -7.78
CA LEU B 247 11.07 28.32 -6.45
C LEU B 247 12.19 28.29 -5.43
N ALA B 248 12.11 29.15 -4.43
CA ALA B 248 13.11 29.20 -3.37
C ALA B 248 12.88 28.10 -2.34
N LEU B 249 13.95 27.38 -2.04
CA LEU B 249 13.90 26.31 -1.06
C LEU B 249 14.61 26.77 0.21
N ARG B 250 13.98 26.52 1.36
CA ARG B 250 14.43 27.11 2.62
C ARG B 250 15.58 26.36 3.28
N GLU B 251 15.55 25.03 3.25
CA GLU B 251 16.67 24.26 3.76
C GLU B 251 17.22 23.29 2.73
N GLY B 252 18.49 22.95 2.84
CA GLY B 252 19.11 22.01 1.92
C GLY B 252 20.19 22.66 1.11
N ASP B 253 20.86 21.87 0.28
CA ASP B 253 21.94 22.38 -0.55
C ASP B 253 21.38 23.22 -1.70
N ARG B 254 20.38 22.68 -2.39
CA ARG B 254 19.74 23.42 -3.46
C ARG B 254 18.86 24.52 -2.89
N LYS B 255 19.11 25.75 -3.31
CA LYS B 255 18.35 26.90 -2.83
C LYS B 255 17.26 27.31 -3.82
N TRP B 256 17.39 26.86 -5.07
CA TRP B 256 16.39 27.13 -6.09
C TRP B 256 16.08 25.92 -6.95
N ILE B 257 14.80 25.65 -7.17
CA ILE B 257 14.40 24.61 -8.10
C ILE B 257 13.50 25.22 -9.16
N ASN B 258 13.61 24.72 -10.38
CA ASN B 258 12.75 25.15 -11.47
C ASN B 258 11.35 24.56 -11.32
N SER B 259 10.45 25.31 -10.68
CA SER B 259 9.10 24.81 -10.45
C SER B 259 8.05 25.89 -10.73
N ASP B 260 7.65 26.00 -11.99
CA ASP B 260 6.64 26.96 -12.37
C ASP B 260 5.24 26.47 -12.00
N PRO B 261 4.55 27.23 -11.13
CA PRO B 261 3.21 26.80 -10.69
C PRO B 261 2.16 26.97 -11.81
N LYS B 262 2.45 27.78 -12.81
CA LYS B 262 1.47 28.02 -13.85
C LYS B 262 1.30 26.81 -14.77
N ILE B 263 2.28 25.93 -14.77
CA ILE B 263 2.20 24.71 -15.57
C ILE B 263 1.05 23.82 -15.08
N VAL B 264 0.98 23.63 -13.76
CA VAL B 264 -0.08 22.82 -13.18
C VAL B 264 -1.42 23.52 -13.37
N GLU B 265 -1.43 24.83 -13.17
CA GLU B 265 -2.66 25.60 -13.32
C GLU B 265 -3.20 25.54 -14.75
N ASP B 266 -2.35 25.75 -15.75
CA ASP B 266 -2.77 25.71 -17.15
C ASP B 266 -3.20 24.30 -17.55
N TRP B 267 -2.45 23.30 -17.08
CA TRP B 267 -2.80 21.92 -17.39
C TRP B 267 -4.19 21.58 -16.86
N PHE B 268 -4.51 22.06 -15.66
CA PHE B 268 -5.79 21.74 -15.06
C PHE B 268 -6.92 22.49 -15.75
N ASN B 269 -6.72 23.79 -16.02
CA ASN B 269 -7.70 24.57 -16.74
C ASN B 269 -7.99 24.01 -18.14
N ASP B 270 -6.95 23.59 -18.85
CA ASP B 270 -7.10 22.99 -20.16
C ASP B 270 -7.79 21.64 -20.06
N SER B 271 -7.51 20.89 -19.00
CA SER B 271 -8.20 19.63 -18.78
C SER B 271 -9.68 19.88 -18.59
N CYS B 272 -10.01 20.86 -17.76
CA CYS B 272 -11.39 21.24 -17.50
C CYS B 272 -12.16 21.61 -18.77
N ILE B 273 -11.57 22.42 -19.63
CA ILE B 273 -12.26 22.82 -20.87
C ILE B 273 -12.41 21.61 -21.81
N ARG B 274 -11.40 20.75 -21.80
CA ARG B 274 -11.38 19.57 -22.64
C ARG B 274 -12.35 18.49 -22.15
N ILE B 275 -12.30 18.17 -20.87
CA ILE B 275 -13.18 17.16 -20.30
C ILE B 275 -14.62 17.65 -20.07
N GLY B 276 -14.78 18.87 -19.56
CA GLY B 276 -16.10 19.36 -19.21
C GLY B 276 -16.20 19.96 -17.81
N LYS B 277 -17.32 20.62 -17.55
CA LYS B 277 -17.61 21.26 -16.28
C LYS B 277 -17.59 20.29 -15.10
N HIS B 278 -17.80 19.00 -15.34
CA HIS B 278 -17.85 18.05 -14.24
C HIS B 278 -16.49 17.72 -13.69
N LEU B 279 -15.43 18.09 -14.42
CA LEU B 279 -14.09 17.76 -13.90
C LEU B 279 -13.84 18.35 -12.51
N ARG B 280 -14.13 19.64 -12.34
CA ARG B 280 -13.93 20.27 -11.04
C ARG B 280 -14.79 19.62 -9.98
N LYS B 281 -15.99 19.18 -10.35
CA LYS B 281 -16.88 18.59 -9.36
C LYS B 281 -16.32 17.25 -8.87
N VAL B 282 -15.93 16.36 -9.78
CA VAL B 282 -15.47 15.05 -9.34
C VAL B 282 -14.13 15.16 -8.64
N CYS B 283 -13.32 16.15 -9.02
CA CYS B 283 -12.09 16.43 -8.30
C CYS B 283 -12.38 16.84 -6.85
N ARG B 284 -13.35 17.71 -6.66
CA ARG B 284 -13.77 18.05 -5.30
C ARG B 284 -14.25 16.82 -4.51
N PHE B 285 -14.96 15.92 -5.19
CA PHE B 285 -15.51 14.73 -4.50
C PHE B 285 -14.39 13.80 -4.07
N MET B 286 -13.40 13.62 -4.94
CA MET B 286 -12.28 12.75 -4.60
C MET B 286 -11.49 13.32 -3.43
N LYS B 287 -11.32 14.63 -3.42
CA LYS B 287 -10.65 15.28 -2.28
C LYS B 287 -11.46 15.17 -0.99
N ALA B 288 -12.80 15.16 -1.13
CA ALA B 288 -13.69 15.04 0.00
C ALA B 288 -13.61 13.62 0.56
N TRP B 289 -13.57 12.65 -0.34
CA TRP B 289 -13.38 11.25 0.06
C TRP B 289 -12.10 11.14 0.86
N ARG B 290 -11.03 11.68 0.30
CA ARG B 290 -9.73 11.72 0.95
C ARG B 290 -9.81 12.32 2.37
N ASP B 291 -10.50 13.45 2.50
CA ASP B 291 -10.64 14.14 3.79
C ASP B 291 -11.46 13.32 4.79
N ALA B 292 -12.37 12.50 4.28
CA ALA B 292 -13.20 11.65 5.13
C ALA B 292 -12.44 10.39 5.59
N GLN B 293 -11.55 9.88 4.74
CA GLN B 293 -10.87 8.63 5.04
C GLN B 293 -9.65 8.78 5.95
N TRP B 294 -8.99 9.95 5.90
CA TRP B 294 -7.83 10.22 6.74
C TRP B 294 -7.91 11.60 7.37
N ASP B 295 -7.83 11.70 8.70
CA ASP B 295 -7.80 13.05 9.27
C ASP B 295 -6.56 13.81 8.80
N VAL B 296 -5.43 13.11 8.72
CA VAL B 296 -4.22 13.62 8.09
C VAL B 296 -3.71 12.50 7.20
N GLY B 297 -3.24 12.84 6.01
CA GLY B 297 -2.67 11.83 5.14
C GLY B 297 -3.56 11.53 3.95
N GLY B 298 -3.25 10.45 3.26
CA GLY B 298 -3.94 10.12 2.03
C GLY B 298 -3.17 10.66 0.84
N PRO B 299 -3.69 10.42 -0.36
CA PRO B 299 -2.95 10.86 -1.53
C PRO B 299 -3.06 12.41 -1.67
N SER B 300 -2.05 13.04 -2.24
CA SER B 300 -2.09 14.47 -2.48
C SER B 300 -3.26 14.85 -3.40
N SER B 301 -3.72 16.09 -3.31
CA SER B 301 -4.77 16.59 -4.20
C SER B 301 -4.33 16.53 -5.65
N ILE B 302 -3.10 16.92 -5.90
CA ILE B 302 -2.62 16.91 -7.27
C ILE B 302 -2.55 15.49 -7.88
N SER B 303 -2.23 14.48 -7.07
CA SER B 303 -2.20 13.13 -7.62
C SER B 303 -3.63 12.68 -7.91
N LEU B 304 -4.57 13.10 -7.05
CA LEU B 304 -5.96 12.76 -7.29
C LEU B 304 -6.49 13.44 -8.55
N MET B 305 -6.07 14.68 -8.79
CA MET B 305 -6.52 15.38 -9.99
C MET B 305 -5.95 14.73 -11.23
N ALA B 306 -4.67 14.38 -11.17
CA ALA B 306 -4.00 13.86 -12.36
C ALA B 306 -4.61 12.52 -12.76
N ALA B 307 -4.92 11.70 -11.76
CA ALA B 307 -5.45 10.36 -12.01
C ALA B 307 -6.89 10.44 -12.54
N THR B 308 -7.68 11.34 -11.95
CA THR B 308 -9.06 11.56 -12.38
C THR B 308 -9.09 12.06 -13.82
N VAL B 309 -8.16 12.96 -14.13
CA VAL B 309 -8.03 13.47 -15.48
C VAL B 309 -7.68 12.34 -16.46
N ASN B 310 -6.71 11.50 -16.10
CA ASN B 310 -6.34 10.37 -16.94
C ASN B 310 -7.49 9.39 -17.19
N ILE B 311 -8.26 9.11 -16.14
CA ILE B 311 -9.42 8.22 -16.31
C ILE B 311 -10.46 8.86 -17.23
N LEU B 312 -10.80 10.11 -16.97
CA LEU B 312 -11.86 10.77 -17.74
C LEU B 312 -11.45 10.99 -19.19
N ASP B 313 -10.15 11.10 -19.46
CA ASP B 313 -9.62 11.22 -20.82
C ASP B 313 -9.75 9.91 -21.58
N SER B 314 -9.71 8.79 -20.87
CA SER B 314 -9.55 7.50 -21.54
C SER B 314 -10.70 6.51 -21.34
N VAL B 315 -11.70 6.88 -20.56
CA VAL B 315 -12.82 5.98 -20.26
C VAL B 315 -14.12 6.68 -20.60
N ALA B 316 -15.01 6.00 -21.30
CA ALA B 316 -16.33 6.55 -21.62
C ALA B 316 -17.10 6.85 -20.32
N HIS B 317 -17.79 7.98 -20.29
CA HIS B 317 -18.61 8.32 -19.15
C HIS B 317 -19.68 9.30 -19.58
N ASP B 318 -20.72 9.43 -18.77
CA ASP B 318 -21.78 10.39 -19.03
C ASP B 318 -21.87 11.36 -17.87
N ALA B 319 -21.65 12.63 -18.18
CA ALA B 319 -21.61 13.69 -17.16
C ALA B 319 -22.99 14.03 -16.62
N SER B 320 -24.04 13.60 -17.32
CA SER B 320 -25.39 13.91 -16.88
C SER B 320 -25.82 13.03 -15.70
N ASP B 321 -24.91 12.15 -15.29
CA ASP B 321 -25.12 11.35 -14.09
C ASP B 321 -23.76 11.22 -13.38
N LEU B 322 -23.44 12.18 -12.51
CA LEU B 322 -22.16 12.14 -11.81
C LEU B 322 -22.10 10.97 -10.84
N GLY B 323 -23.26 10.41 -10.52
CA GLY B 323 -23.32 9.18 -9.77
C GLY B 323 -22.65 8.01 -10.50
N GLU B 324 -23.07 7.77 -11.73
CA GLU B 324 -22.41 6.80 -12.60
C GLU B 324 -20.95 7.19 -12.88
N THR B 325 -20.73 8.45 -13.24
CA THR B 325 -19.35 8.92 -13.42
C THR B 325 -18.46 8.63 -12.21
N MET B 326 -18.97 8.87 -11.01
CA MET B 326 -18.16 8.61 -9.83
C MET B 326 -17.86 7.12 -9.62
N LYS B 327 -18.79 6.26 -10.01
CA LYS B 327 -18.55 4.81 -9.97
C LYS B 327 -17.41 4.45 -10.91
N ILE B 328 -17.47 4.99 -12.12
CA ILE B 328 -16.45 4.73 -13.12
C ILE B 328 -15.07 5.21 -12.63
N ILE B 329 -15.02 6.38 -12.02
CA ILE B 329 -13.76 6.89 -11.50
C ILE B 329 -13.27 5.98 -10.39
N ALA B 330 -14.17 5.67 -9.47
CA ALA B 330 -13.82 4.83 -8.32
C ALA B 330 -13.24 3.48 -8.76
N LYS B 331 -13.85 2.87 -9.77
CA LYS B 331 -13.39 1.56 -10.26
C LYS B 331 -12.04 1.59 -10.98
N HIS B 332 -11.66 2.72 -11.59
CA HIS B 332 -10.39 2.81 -12.32
C HIS B 332 -9.22 3.44 -11.55
N LEU B 333 -9.49 4.08 -10.42
CA LEU B 333 -8.44 4.75 -9.65
C LEU B 333 -7.33 3.83 -9.11
N PRO B 334 -7.69 2.65 -8.59
CA PRO B 334 -6.60 1.80 -8.10
C PRO B 334 -5.56 1.53 -9.19
N SER B 335 -6.01 1.32 -10.43
CA SER B 335 -5.08 1.01 -11.50
C SER B 335 -4.22 2.23 -11.87
N GLU B 336 -4.78 3.44 -11.79
CA GLU B 336 -3.98 4.63 -12.02
C GLU B 336 -2.90 4.72 -10.94
N PHE B 337 -3.28 4.54 -9.69
CA PHE B 337 -2.30 4.60 -8.61
C PHE B 337 -1.35 3.39 -8.58
N ALA B 338 -1.80 2.25 -9.06
CA ALA B 338 -0.93 1.09 -9.16
C ALA B 338 0.17 1.33 -10.20
N ARG B 339 -0.23 1.92 -11.32
CA ARG B 339 0.70 2.19 -12.41
C ARG B 339 1.68 3.30 -12.02
N GLY B 340 1.30 4.13 -11.06
CA GLY B 340 2.11 5.27 -10.68
C GLY B 340 1.56 6.50 -11.40
N VAL B 341 1.45 7.61 -10.70
CA VAL B 341 0.82 8.79 -11.29
C VAL B 341 1.85 9.81 -11.74
N GLU B 342 1.90 10.04 -13.03
CA GLU B 342 2.88 10.92 -13.65
C GLU B 342 2.47 12.37 -13.44
N SER B 343 3.44 13.23 -13.16
CA SER B 343 3.16 14.64 -12.98
C SER B 343 2.89 15.29 -14.31
N PRO B 344 1.91 16.20 -14.34
CA PRO B 344 1.64 16.98 -15.57
C PRO B 344 2.75 18.00 -15.83
N ASP B 345 3.62 18.20 -14.85
CA ASP B 345 4.80 19.06 -15.02
C ASP B 345 6.01 18.20 -15.28
N SER B 346 6.53 18.26 -16.50
CA SER B 346 7.62 17.38 -16.94
C SER B 346 8.95 17.63 -16.23
N THR B 347 9.08 18.82 -15.63
CA THR B 347 10.29 19.18 -14.90
C THR B 347 10.33 18.46 -13.56
N ASP B 348 9.18 18.00 -13.09
CA ASP B 348 9.12 17.16 -11.91
C ASP B 348 10.04 15.95 -12.07
N GLU B 349 10.76 15.62 -11.01
CA GLU B 349 11.78 14.60 -11.07
C GLU B 349 11.23 13.25 -10.63
N LYS B 350 10.09 13.29 -9.96
CA LYS B 350 9.42 12.09 -9.48
C LYS B 350 7.98 12.11 -9.95
N PRO B 351 7.36 10.91 -10.04
CA PRO B 351 5.92 10.86 -10.27
C PRO B 351 5.17 11.41 -9.06
N LEU B 352 3.93 11.83 -9.23
CA LEU B 352 3.12 12.28 -8.09
C LEU B 352 2.88 11.15 -7.10
N PHE B 353 2.77 9.95 -7.63
CA PHE B 353 2.54 8.79 -6.79
C PHE B 353 3.36 7.66 -7.41
N PRO B 354 4.09 6.89 -6.59
CA PRO B 354 5.01 5.91 -7.16
C PRO B 354 4.30 4.66 -7.72
N PRO B 355 4.92 4.01 -8.70
CA PRO B 355 4.45 2.74 -9.27
C PRO B 355 4.41 1.63 -8.22
N SER B 356 3.54 0.64 -8.40
CA SER B 356 3.27 -0.35 -7.36
C SER B 356 4.51 -1.15 -6.93
N TYR B 357 5.54 -1.23 -7.78
CA TYR B 357 6.71 -2.01 -7.40
C TYR B 357 7.58 -1.28 -6.40
N LYS B 358 7.31 0.01 -6.20
CA LYS B 358 8.00 0.81 -5.19
C LYS B 358 7.11 1.13 -4.00
N HIS B 359 5.93 0.52 -3.92
CA HIS B 359 5.00 0.89 -2.84
C HIS B 359 5.49 0.40 -1.48
N GLY B 360 5.41 1.27 -0.47
CA GLY B 360 5.64 0.88 0.91
C GLY B 360 4.33 0.91 1.68
N PRO B 361 4.38 0.81 3.02
CA PRO B 361 3.19 0.82 3.86
C PRO B 361 2.23 1.99 3.57
N ARG B 362 2.75 3.21 3.43
CA ARG B 362 1.91 4.38 3.14
C ARG B 362 1.11 4.23 1.85
N GLU B 363 1.76 3.84 0.76
CA GLU B 363 1.09 3.64 -0.53
C GLU B 363 0.10 2.47 -0.51
N MET B 364 0.44 1.43 0.24
CA MET B 364 -0.42 0.25 0.37
C MET B 364 -1.72 0.60 1.06
N ASP B 365 -1.62 1.40 2.11
CA ASP B 365 -2.77 1.87 2.84
C ASP B 365 -3.69 2.71 1.93
N ILE B 366 -3.07 3.51 1.08
CA ILE B 366 -3.82 4.31 0.12
C ILE B 366 -4.49 3.40 -0.90
N MET B 367 -3.76 2.40 -1.38
CA MET B 367 -4.32 1.46 -2.35
C MET B 367 -5.51 0.72 -1.76
N SER B 368 -5.39 0.34 -0.50
CA SER B 368 -6.45 -0.41 0.18
C SER B 368 -7.72 0.43 0.32
N LYS B 369 -7.55 1.70 0.64
CA LYS B 369 -8.71 2.57 0.75
C LYS B 369 -9.32 2.88 -0.64
N LEU B 370 -8.47 3.06 -1.65
CA LEU B 370 -8.97 3.25 -3.01
C LEU B 370 -9.78 2.03 -3.49
N GLU B 371 -9.31 0.84 -3.12
CA GLU B 371 -9.97 -0.38 -3.58
C GLU B 371 -11.30 -0.57 -2.88
N ARG B 372 -11.42 -0.02 -1.68
CA ARG B 372 -12.66 -0.08 -0.92
C ARG B 372 -13.75 0.84 -1.51
N LEU B 373 -13.35 1.94 -2.14
CA LEU B 373 -14.30 2.95 -2.58
C LEU B 373 -15.37 2.46 -3.56
N PRO B 374 -14.99 1.76 -4.64
CA PRO B 374 -16.03 1.26 -5.55
C PRO B 374 -16.99 0.27 -4.87
N GLU B 375 -16.51 -0.48 -3.87
CA GLU B 375 -17.37 -1.37 -3.10
C GLU B 375 -18.42 -0.57 -2.35
N ILE B 376 -18.00 0.56 -1.78
CA ILE B 376 -18.91 1.42 -1.05
C ILE B 376 -19.97 2.00 -1.98
N LEU B 377 -19.54 2.53 -3.12
CA LEU B 377 -20.48 3.15 -4.05
C LEU B 377 -21.51 2.15 -4.58
N SER B 378 -21.08 0.91 -4.82
CA SER B 378 -22.00 -0.10 -5.36
C SER B 378 -22.95 -0.61 -4.29
N SER B 379 -22.46 -0.72 -3.06
CA SER B 379 -23.27 -1.14 -1.95
C SER B 379 -24.38 -0.10 -1.68
N ALA B 380 -24.03 1.18 -1.75
CA ALA B 380 -25.01 2.25 -1.58
C ALA B 380 -26.10 2.16 -2.65
N GLU B 381 -25.66 1.84 -3.86
CA GLU B 381 -26.55 1.83 -5.02
C GLU B 381 -27.68 0.79 -4.88
N SER B 382 -27.40 -0.30 -4.16
CA SER B 382 -28.41 -1.37 -4.01
C SER B 382 -28.98 -1.53 -2.59
N ALA B 383 -28.81 -0.49 -1.76
CA ALA B 383 -29.36 -0.48 -0.41
C ALA B 383 -30.88 -0.58 -0.41
N ASP B 384 -31.44 -1.00 0.71
CA ASP B 384 -32.87 -1.29 0.79
C ASP B 384 -33.75 -0.04 0.80
N SER B 385 -33.23 1.08 1.30
CA SER B 385 -33.98 2.32 1.30
C SER B 385 -33.12 3.57 1.01
N LYS B 386 -33.79 4.71 0.87
CA LYS B 386 -33.09 5.98 0.67
C LYS B 386 -32.20 6.29 1.87
N SER B 387 -32.73 6.14 3.07
CA SER B 387 -31.94 6.43 4.26
C SER B 387 -30.76 5.48 4.36
N GLU B 388 -30.95 4.23 3.93
CA GLU B 388 -29.87 3.24 3.94
C GLU B 388 -28.78 3.56 2.91
N ALA B 389 -29.19 3.96 1.71
CA ALA B 389 -28.25 4.34 0.66
C ALA B 389 -27.41 5.53 1.14
N LEU B 390 -28.06 6.48 1.77
CA LEU B 390 -27.39 7.68 2.23
C LEU B 390 -26.32 7.35 3.24
N LYS B 391 -26.64 6.44 4.17
CA LYS B 391 -25.70 6.02 5.19
C LYS B 391 -24.50 5.30 4.57
N LYS B 392 -24.76 4.46 3.58
CA LYS B 392 -23.69 3.74 2.92
C LYS B 392 -22.76 4.65 2.13
N ILE B 393 -23.32 5.52 1.27
CA ILE B 393 -22.46 6.40 0.46
C ILE B 393 -21.70 7.38 1.36
N ASN B 394 -22.35 7.78 2.45
CA ASN B 394 -21.68 8.62 3.45
C ASN B 394 -20.45 7.97 4.11
N MET B 395 -20.29 6.65 3.98
CA MET B 395 -19.07 5.98 4.42
CA MET B 395 -19.06 6.05 4.46
C MET B 395 -17.89 6.42 3.55
N ALA B 396 -18.19 6.87 2.35
CA ALA B 396 -17.12 7.31 1.44
C ALA B 396 -16.76 8.78 1.67
N PHE B 397 -17.79 9.63 1.76
CA PHE B 397 -17.59 11.08 1.76
C PHE B 397 -17.84 11.70 3.13
N GLY B 398 -18.19 10.88 4.10
CA GLY B 398 -18.47 11.40 5.43
C GLY B 398 -19.91 11.83 5.59
N ASN B 399 -20.32 12.10 6.82
CA ASN B 399 -21.71 12.47 7.05
CA ASN B 399 -21.71 12.47 7.07
C ASN B 399 -21.90 13.97 6.91
N ARG B 400 -21.89 14.42 5.67
CA ARG B 400 -22.03 15.83 5.35
C ARG B 400 -23.40 16.09 4.76
N VAL B 401 -23.76 15.25 3.79
CA VAL B 401 -25.06 15.33 3.17
C VAL B 401 -26.03 14.58 4.09
N THR B 402 -27.11 15.22 4.50
CA THR B 402 -28.05 14.62 5.44
C THR B 402 -29.40 14.38 4.80
N ASN B 403 -29.63 15.01 3.65
CA ASN B 403 -30.93 14.94 3.01
C ASN B 403 -31.09 13.74 2.07
N SER B 404 -31.58 12.63 2.60
CA SER B 404 -31.72 11.42 1.80
C SER B 404 -32.71 11.56 0.63
N GLU B 405 -33.51 12.63 0.65
CA GLU B 405 -34.47 12.88 -0.42
C GLU B 405 -33.80 13.27 -1.74
N LEU B 406 -32.52 13.63 -1.67
CA LEU B 406 -31.76 13.93 -2.88
C LEU B 406 -31.56 12.64 -3.68
N ILE B 407 -31.51 11.50 -2.98
CA ILE B 407 -31.34 10.21 -3.64
C ILE B 407 -32.66 9.72 -4.27
N VAL B 408 -32.59 9.20 -5.48
CA VAL B 408 -33.80 8.87 -6.22
C VAL B 408 -33.73 7.50 -6.87
N LEU B 409 -34.89 6.87 -7.01
CA LEU B 409 -35.01 5.57 -7.64
C LEU B 409 -34.50 5.65 -9.08
N ALA B 410 -33.55 4.79 -9.43
CA ALA B 410 -33.01 4.79 -10.78
C ALA B 410 -34.05 4.35 -11.81
N LYS B 411 -34.08 5.06 -12.94
CA LYS B 411 -35.05 4.80 -14.01
C LYS B 411 -34.44 4.12 -15.22
#